data_5V9X
#
_entry.id   5V9X
#
_cell.length_a   149.462
_cell.length_b   88.129
_cell.length_c   83.675
_cell.angle_alpha   90.00
_cell.angle_beta   109.10
_cell.angle_gamma   90.00
#
_symmetry.space_group_name_H-M   'C 1 2 1'
#
loop_
_entity.id
_entity.type
_entity.pdbx_description
1 polymer 'ATP-dependent DNA helicase'
2 polymer ssDNA
3 non-polymer 'PHOSPHOAMINOPHOSPHONIC ACID-ADENYLATE ESTER'
4 non-polymer GLYCEROL
5 non-polymer 'MAGNESIUM ION'
6 non-polymer DI(HYDROXYETHYL)ETHER
7 water water
#
loop_
_entity_poly.entity_id
_entity_poly.type
_entity_poly.pdbx_seq_one_letter_code
_entity_poly.pdbx_strand_id
1 'polypeptide(L)'
;MGHHHHHHHHHHSSGHIEGRHMTTNGADPLGRFSALTREWFTTAFAAPTPAQADAWSAISEGNNTLVIAPTGSGKTLAAF
LWAIDRLADPAREPSQGTQVLYVSPLKALAVDVERNLRTPLTGITRVAERHGLPAPSITVGVRSGDTPPNQRRAMIANPP
DVLITTPESLFLMLTSAARETLTSVRTVIVDEVHAVAATKRGAHLALSLERLDQLLDTPAQRIGLSATVRPPEEVARFLS
GQAPTTIVCPPAAKTFDLSVQVPVPDMANLDNNSIWPDVEERIVDLVEAHNSSIVFANSRRLAERLTSRLNEIHAERSGI
ELPAGPNPEVGGGAPAHLMGSGQANGAPPLLARAHHGSVSKEQRAQVEDDLKSGRLRAVVATSSLELGIDMGAVDLVIQV
EAPPSVASGLQRVGRAGHQVGEISQGVLFPKHRTDLIGCAVTVQRMQTGDIETLRVPANPLDVLAQHTVAVAALEPVDAD
AWFDAVRRSAPFATLPRSAFEATLDLLSGKYPSTEFAELRPRLVYDRDTGTLTARPGAQRLAVTSGGAIPDRGMFTVYLA
SETEKPSRVGELDEEMVYESRPGDVISLGATSWRITEITHDRVLVIPAPGQPARLPFWRGDSVGRPAELGAAVGAFTGEL
ASLDRKAFDKRCQKMGFAGYATDNLHQLLREQREATGVVPSDTTFVVERFRDELGDWRVILHSPYGLRVHGPLALAVGRR
LRERYGIDEKPTASDDGIIVRLPDSGDTPPGADLFVFDADEIEPIVTAEVGGSALFASRFRECAARALLLPRRHPGKRSP
LWHQRQRAAQLLDIARKYPDFPIVLEAVRECLQDVYDVPALIELMHKIAQRRLRIVEVETATPSPFAASLLFGYVGA
;
A
2 'polydeoxyribonucleotide' (DG)(DA)(DC)(DC)(DT)(DG)(DC)(DT)(DG)(DC)(DG)(DG)(DA)(DT)(DT)(DG) B
#
loop_
_chem_comp.id
_chem_comp.type
_chem_comp.name
_chem_comp.formula
ANP non-polymer 'PHOSPHOAMINOPHOSPHONIC ACID-ADENYLATE ESTER' 'C10 H17 N6 O12 P3'
DA DNA linking 2'-DEOXYADENOSINE-5'-MONOPHOSPHATE 'C10 H14 N5 O6 P'
DC DNA linking 2'-DEOXYCYTIDINE-5'-MONOPHOSPHATE 'C9 H14 N3 O7 P'
DG DNA linking 2'-DEOXYGUANOSINE-5'-MONOPHOSPHATE 'C10 H14 N5 O7 P'
DT DNA linking THYMIDINE-5'-MONOPHOSPHATE 'C10 H15 N2 O8 P'
GOL non-polymer GLYCEROL 'C3 H8 O3'
MG non-polymer 'MAGNESIUM ION' 'Mg 2'
PEG non-polymer DI(HYDROXYETHYL)ETHER 'C4 H10 O3'
#
# COMPACT_ATOMS: atom_id res chain seq x y z
N ALA A 27 -32.14 22.96 -10.93
CA ALA A 27 -30.98 22.24 -10.39
C ALA A 27 -31.34 21.54 -9.09
N ASP A 28 -31.86 20.32 -9.21
CA ASP A 28 -32.28 19.52 -8.05
C ASP A 28 -31.60 18.15 -8.12
N PRO A 29 -30.58 17.90 -7.29
CA PRO A 29 -29.92 16.58 -7.35
C PRO A 29 -30.80 15.44 -6.85
N LEU A 30 -31.75 15.73 -5.95
CA LEU A 30 -32.60 14.70 -5.38
C LEU A 30 -33.88 14.48 -6.18
N GLY A 31 -34.12 15.28 -7.23
CA GLY A 31 -35.31 15.12 -8.04
C GLY A 31 -35.40 13.79 -8.75
N ARG A 32 -34.26 13.15 -9.02
CA ARG A 32 -34.28 11.85 -9.68
C ARG A 32 -34.88 10.77 -8.78
N PHE A 33 -34.58 10.83 -7.48
CA PHE A 33 -34.96 9.77 -6.55
C PHE A 33 -36.47 9.80 -6.31
N SER A 34 -36.95 8.76 -5.63
CA SER A 34 -38.35 8.70 -5.23
C SER A 34 -38.63 9.77 -4.17
N ALA A 35 -39.91 9.96 -3.87
CA ALA A 35 -40.29 10.96 -2.89
C ALA A 35 -39.79 10.60 -1.50
N LEU A 36 -39.78 9.31 -1.16
CA LEU A 36 -39.37 8.88 0.18
C LEU A 36 -37.89 9.14 0.42
N THR A 37 -37.04 8.67 -0.50
CA THR A 37 -35.60 8.88 -0.32
C THR A 37 -35.25 10.36 -0.38
N ARG A 38 -35.96 11.13 -1.21
CA ARG A 38 -35.74 12.57 -1.25
C ARG A 38 -36.10 13.22 0.09
N GLU A 39 -37.23 12.82 0.68
CA GLU A 39 -37.64 13.42 1.94
C GLU A 39 -36.68 13.05 3.07
N TRP A 40 -36.17 11.82 3.08
CA TRP A 40 -35.25 11.43 4.13
C TRP A 40 -33.96 12.24 4.06
N PHE A 41 -33.32 12.25 2.88
CA PHE A 41 -32.04 12.95 2.74
C PHE A 41 -32.17 14.42 3.10
N THR A 42 -33.34 15.02 2.84
CA THR A 42 -33.54 16.42 3.20
C THR A 42 -33.60 16.60 4.72
N THR A 43 -34.23 15.66 5.42
CA THR A 43 -34.31 15.73 6.87
C THR A 43 -33.03 15.30 7.56
N ALA A 44 -32.07 14.73 6.82
CA ALA A 44 -30.83 14.23 7.39
C ALA A 44 -29.65 15.16 7.19
N PHE A 45 -29.57 15.84 6.05
CA PHE A 45 -28.45 16.70 5.72
C PHE A 45 -28.95 18.04 5.19
N ALA A 46 -28.16 19.09 5.43
CA ALA A 46 -28.54 20.41 4.96
C ALA A 46 -28.71 20.44 3.45
N ALA A 47 -27.74 19.89 2.72
CA ALA A 47 -27.80 19.83 1.26
C ALA A 47 -26.78 18.80 0.79
N PRO A 48 -27.03 18.16 -0.35
CA PRO A 48 -26.00 17.29 -0.93
C PRO A 48 -24.71 18.05 -1.18
N THR A 49 -23.60 17.33 -1.17
CA THR A 49 -22.33 17.93 -1.56
C THR A 49 -22.17 17.85 -3.08
N PRO A 50 -21.33 18.73 -3.65
CA PRO A 50 -21.09 18.65 -5.10
C PRO A 50 -20.76 17.24 -5.60
N ALA A 51 -19.87 16.53 -4.89
CA ALA A 51 -19.52 15.17 -5.32
C ALA A 51 -20.73 14.25 -5.34
N GLN A 52 -21.69 14.46 -4.43
CA GLN A 52 -22.90 13.65 -4.45
C GLN A 52 -23.78 14.01 -5.63
N ALA A 53 -24.02 15.31 -5.86
CA ALA A 53 -24.89 15.74 -6.94
C ALA A 53 -24.37 15.25 -8.30
N ASP A 54 -23.07 15.41 -8.53
CA ASP A 54 -22.49 14.94 -9.79
C ASP A 54 -22.56 13.43 -9.89
N ALA A 55 -22.19 12.73 -8.81
CA ALA A 55 -22.16 11.26 -8.85
C ALA A 55 -23.54 10.68 -9.06
N TRP A 56 -24.56 11.24 -8.40
CA TRP A 56 -25.93 10.76 -8.60
C TRP A 56 -26.36 10.91 -10.05
N SER A 57 -25.95 12.01 -10.69
CA SER A 57 -26.33 12.23 -12.09
C SER A 57 -25.71 11.16 -12.99
N ALA A 58 -24.39 10.93 -12.84
CA ALA A 58 -23.72 9.95 -13.68
C ALA A 58 -24.19 8.54 -13.37
N ILE A 59 -24.35 8.20 -12.09
CA ILE A 59 -24.77 6.85 -11.72
C ILE A 59 -26.18 6.57 -12.21
N SER A 60 -27.10 7.54 -12.04
CA SER A 60 -28.48 7.33 -12.46
C SER A 60 -28.61 7.14 -13.96
N GLU A 61 -27.68 7.73 -14.73
CA GLU A 61 -27.70 7.58 -16.18
C GLU A 61 -27.01 6.32 -16.66
N GLY A 62 -26.57 5.44 -15.75
CA GLY A 62 -26.09 4.13 -16.09
C GLY A 62 -24.60 3.98 -16.30
N ASN A 63 -23.82 5.05 -16.10
CA ASN A 63 -22.40 5.03 -16.40
C ASN A 63 -21.58 4.49 -15.24
N ASN A 64 -20.51 3.77 -15.57
CA ASN A 64 -19.45 3.53 -14.59
C ASN A 64 -18.91 4.88 -14.14
N THR A 65 -18.75 5.05 -12.83
CA THR A 65 -18.42 6.35 -12.27
C THR A 65 -17.26 6.22 -11.27
N LEU A 66 -16.28 7.10 -11.41
CA LEU A 66 -15.21 7.25 -10.43
C LEU A 66 -15.38 8.59 -9.73
N VAL A 67 -15.58 8.55 -8.43
CA VAL A 67 -15.80 9.75 -7.63
C VAL A 67 -14.49 10.13 -6.94
N ILE A 68 -14.02 11.33 -7.20
CA ILE A 68 -12.76 11.83 -6.66
C ILE A 68 -13.09 13.08 -5.85
N ALA A 69 -13.07 12.94 -4.52
CA ALA A 69 -13.44 14.03 -3.63
C ALA A 69 -12.76 13.80 -2.29
N PRO A 70 -12.52 14.86 -1.51
CA PRO A 70 -11.84 14.69 -0.22
C PRO A 70 -12.58 13.82 0.79
N THR A 71 -11.99 13.64 1.98
CA THR A 71 -12.53 12.66 2.92
C THR A 71 -13.86 13.12 3.52
N GLY A 72 -14.10 14.43 3.60
CA GLY A 72 -15.36 14.92 4.10
C GLY A 72 -16.33 15.30 2.99
N SER A 73 -16.69 14.33 2.15
CA SER A 73 -17.55 14.61 1.00
C SER A 73 -18.78 13.74 0.90
N GLY A 74 -18.87 12.66 1.69
CA GLY A 74 -20.03 11.79 1.62
C GLY A 74 -20.03 10.93 0.38
N LYS A 75 -18.89 10.30 0.07
CA LYS A 75 -18.81 9.46 -1.12
C LYS A 75 -19.57 8.15 -0.93
N THR A 76 -19.81 7.73 0.31
CA THR A 76 -20.57 6.51 0.56
C THR A 76 -21.99 6.62 0.01
N LEU A 77 -22.72 7.68 0.41
CA LEU A 77 -24.07 7.86 -0.09
C LEU A 77 -24.08 8.20 -1.57
N ALA A 78 -23.00 8.81 -2.07
CA ALA A 78 -22.88 9.04 -3.50
C ALA A 78 -22.98 7.74 -4.28
N ALA A 79 -22.29 6.70 -3.79
CA ALA A 79 -22.28 5.42 -4.49
C ALA A 79 -23.48 4.55 -4.13
N PHE A 80 -24.07 4.75 -2.95
CA PHE A 80 -25.09 3.84 -2.45
C PHE A 80 -26.51 4.31 -2.68
N LEU A 81 -26.77 5.62 -2.58
CA LEU A 81 -28.16 6.09 -2.41
C LEU A 81 -29.03 5.72 -3.61
N TRP A 82 -28.49 5.85 -4.82
CA TRP A 82 -29.31 5.51 -6.00
C TRP A 82 -29.68 4.04 -6.00
N ALA A 83 -28.71 3.16 -5.69
CA ALA A 83 -29.03 1.75 -5.57
C ALA A 83 -30.00 1.49 -4.43
N ILE A 84 -29.86 2.25 -3.33
CA ILE A 84 -30.79 2.12 -2.21
C ILE A 84 -32.19 2.55 -2.64
N ASP A 85 -32.28 3.63 -3.41
CA ASP A 85 -33.59 4.11 -3.86
C ASP A 85 -34.29 3.08 -4.72
N ARG A 86 -33.54 2.42 -5.61
CA ARG A 86 -34.14 1.39 -6.46
C ARG A 86 -34.59 0.18 -5.64
N LEU A 87 -33.79 -0.21 -4.64
CA LEU A 87 -34.20 -1.31 -3.77
C LEU A 87 -35.41 -0.94 -2.93
N ALA A 88 -35.63 0.35 -2.68
CA ALA A 88 -36.80 0.77 -1.93
C ALA A 88 -38.06 0.85 -2.78
N ASP A 89 -37.91 0.98 -4.09
CA ASP A 89 -39.07 1.05 -4.98
C ASP A 89 -39.90 -0.21 -4.85
N PRO A 90 -41.24 -0.10 -4.84
CA PRO A 90 -42.14 -1.26 -4.84
C PRO A 90 -41.90 -2.17 -6.06
N GLN A 96 -34.44 -10.45 -6.75
CA GLN A 96 -34.18 -11.54 -5.83
C GLN A 96 -32.77 -12.09 -5.98
N GLY A 97 -32.02 -12.03 -4.90
CA GLY A 97 -30.60 -12.29 -4.90
C GLY A 97 -29.81 -11.03 -4.57
N THR A 98 -28.51 -11.22 -4.40
CA THR A 98 -27.64 -10.10 -4.05
C THR A 98 -27.63 -9.08 -5.18
N GLN A 99 -28.01 -7.84 -4.86
CA GLN A 99 -28.20 -6.78 -5.85
C GLN A 99 -27.05 -5.78 -5.90
N VAL A 100 -26.47 -5.44 -4.75
CA VAL A 100 -25.36 -4.48 -4.68
C VAL A 100 -24.17 -5.20 -4.07
N LEU A 101 -22.99 -4.96 -4.65
CA LEU A 101 -21.74 -5.56 -4.17
C LEU A 101 -20.76 -4.43 -3.85
N TYR A 102 -20.48 -4.24 -2.57
CA TYR A 102 -19.49 -3.28 -2.10
C TYR A 102 -18.22 -4.02 -1.73
N VAL A 103 -17.09 -3.56 -2.26
CA VAL A 103 -15.79 -4.18 -2.00
C VAL A 103 -14.89 -3.17 -1.29
N SER A 104 -14.33 -3.57 -0.15
CA SER A 104 -13.41 -2.77 0.63
C SER A 104 -12.09 -3.49 0.79
N PRO A 105 -10.96 -2.79 0.63
CA PRO A 105 -9.66 -3.45 0.87
C PRO A 105 -9.37 -3.71 2.33
N LEU A 106 -10.08 -3.06 3.25
CA LEU A 106 -9.87 -3.22 4.68
C LEU A 106 -11.12 -3.79 5.34
N LYS A 107 -10.93 -4.72 6.27
CA LYS A 107 -12.06 -5.31 6.98
C LYS A 107 -12.78 -4.28 7.84
N ALA A 108 -12.01 -3.47 8.59
CA ALA A 108 -12.61 -2.48 9.48
C ALA A 108 -13.54 -1.55 8.72
N LEU A 109 -13.13 -1.08 7.55
CA LEU A 109 -14.00 -0.26 6.72
C LEU A 109 -15.26 -1.02 6.32
N ALA A 110 -15.11 -2.30 5.95
CA ALA A 110 -16.26 -3.09 5.55
C ALA A 110 -17.31 -3.15 6.66
N VAL A 111 -16.87 -3.35 7.90
CA VAL A 111 -17.79 -3.39 9.02
C VAL A 111 -18.35 -1.99 9.31
N ASP A 112 -17.53 -0.95 9.15
CA ASP A 112 -18.00 0.39 9.40
C ASP A 112 -19.04 0.82 8.37
N VAL A 113 -18.91 0.36 7.13
CA VAL A 113 -19.92 0.67 6.11
C VAL A 113 -21.24 -0.02 6.47
N GLU A 114 -21.18 -1.25 6.95
CA GLU A 114 -22.40 -1.96 7.33
C GLU A 114 -23.15 -1.21 8.43
N ARG A 115 -22.43 -0.71 9.43
CA ARG A 115 -23.06 0.02 10.51
C ARG A 115 -23.62 1.35 10.03
N ASN A 116 -22.89 2.05 9.15
CA ASN A 116 -23.33 3.35 8.68
C ASN A 116 -24.45 3.29 7.67
N LEU A 117 -24.68 2.14 7.03
CA LEU A 117 -25.82 2.01 6.14
C LEU A 117 -27.14 1.91 6.91
N ARG A 118 -27.07 1.74 8.24
CA ARG A 118 -28.30 1.68 9.01
C ARG A 118 -29.01 3.04 9.06
N THR A 119 -28.25 4.13 9.02
CA THR A 119 -28.87 5.46 9.04
C THR A 119 -29.77 5.70 7.83
N PRO A 120 -29.33 5.48 6.58
CA PRO A 120 -30.26 5.70 5.46
C PRO A 120 -31.40 4.70 5.42
N LEU A 121 -31.14 3.42 5.65
CA LEU A 121 -32.22 2.43 5.60
C LEU A 121 -33.26 2.69 6.69
N THR A 122 -32.81 2.98 7.92
CA THR A 122 -33.73 3.35 8.99
C THR A 122 -34.54 4.60 8.62
N GLY A 123 -33.93 5.55 7.91
CA GLY A 123 -34.62 6.77 7.56
C GLY A 123 -35.68 6.56 6.48
N ILE A 124 -35.36 5.75 5.46
CA ILE A 124 -36.35 5.42 4.45
C ILE A 124 -37.58 4.81 5.09
N THR A 125 -37.36 3.91 6.06
CA THR A 125 -38.46 3.27 6.77
C THR A 125 -39.31 4.29 7.54
N ARG A 126 -38.64 5.19 8.27
CA ARG A 126 -39.36 6.21 9.01
C ARG A 126 -40.20 7.08 8.08
N VAL A 127 -39.64 7.46 6.94
CA VAL A 127 -40.36 8.31 6.00
C VAL A 127 -41.48 7.52 5.32
N ALA A 128 -41.19 6.28 4.91
CA ALA A 128 -42.22 5.45 4.27
C ALA A 128 -43.44 5.30 5.16
N GLU A 129 -43.22 5.00 6.44
CA GLU A 129 -44.34 4.81 7.36
C GLU A 129 -44.98 6.13 7.77
N ARG A 130 -44.20 7.22 7.79
CA ARG A 130 -44.79 8.53 8.03
C ARG A 130 -45.88 8.85 7.01
N HIS A 131 -45.74 8.38 5.77
CA HIS A 131 -46.70 8.63 4.71
C HIS A 131 -47.62 7.45 4.46
N GLY A 132 -47.68 6.50 5.39
CA GLY A 132 -48.60 5.38 5.28
C GLY A 132 -48.17 4.26 4.37
N LEU A 133 -47.00 4.36 3.74
CA LEU A 133 -46.53 3.35 2.82
C LEU A 133 -45.89 2.19 3.56
N PRO A 134 -45.81 1.00 2.95
CA PRO A 134 -45.11 -0.11 3.59
C PRO A 134 -43.60 0.13 3.59
N ALA A 135 -42.96 -0.30 4.67
CA ALA A 135 -41.52 -0.13 4.79
C ALA A 135 -40.80 -1.10 3.84
N PRO A 136 -39.72 -0.66 3.21
CA PRO A 136 -38.89 -1.59 2.43
C PRO A 136 -38.03 -2.45 3.33
N SER A 137 -37.76 -3.67 2.86
CA SER A 137 -36.90 -4.63 3.57
C SER A 137 -35.62 -4.79 2.74
N ILE A 138 -34.56 -4.14 3.18
CA ILE A 138 -33.27 -4.14 2.50
C ILE A 138 -32.26 -4.81 3.43
N THR A 139 -31.75 -5.96 3.02
CA THR A 139 -30.80 -6.71 3.83
C THR A 139 -29.36 -6.31 3.49
N VAL A 140 -28.49 -6.39 4.50
CA VAL A 140 -27.09 -6.00 4.38
C VAL A 140 -26.25 -7.05 5.10
N GLY A 141 -25.28 -7.64 4.38
CA GLY A 141 -24.43 -8.64 4.95
C GLY A 141 -22.96 -8.32 4.72
N VAL A 142 -22.12 -8.86 5.59
CA VAL A 142 -20.67 -8.71 5.50
C VAL A 142 -20.06 -10.10 5.42
N ARG A 143 -19.26 -10.33 4.37
CA ARG A 143 -18.51 -11.57 4.21
C ARG A 143 -17.03 -11.23 4.18
N SER A 144 -16.32 -11.59 5.24
CA SER A 144 -14.87 -11.46 5.31
C SER A 144 -14.31 -12.72 5.94
N GLY A 145 -13.01 -12.71 6.22
CA GLY A 145 -12.40 -13.84 6.90
C GLY A 145 -12.90 -14.05 8.31
N ASP A 146 -13.47 -13.02 8.94
CA ASP A 146 -13.98 -13.14 10.30
C ASP A 146 -15.35 -13.81 10.36
N THR A 147 -15.99 -14.05 9.23
CA THR A 147 -17.33 -14.63 9.25
C THR A 147 -17.25 -16.09 9.68
N PRO A 148 -17.93 -16.49 10.77
CA PRO A 148 -17.92 -17.89 11.19
C PRO A 148 -18.52 -18.78 10.11
N PRO A 149 -18.18 -20.07 10.09
CA PRO A 149 -18.73 -20.95 9.05
C PRO A 149 -20.25 -20.99 9.01
N ASN A 150 -20.90 -21.06 10.17
CA ASN A 150 -22.36 -21.14 10.19
C ASN A 150 -23.01 -19.90 9.60
N GLN A 151 -22.40 -18.72 9.77
CA GLN A 151 -22.95 -17.52 9.18
C GLN A 151 -22.73 -17.46 7.68
N ARG A 152 -21.61 -18.00 7.19
CA ARG A 152 -21.39 -18.09 5.75
C ARG A 152 -22.45 -18.96 5.10
N ARG A 153 -22.83 -20.05 5.75
CA ARG A 153 -23.90 -20.90 5.23
C ARG A 153 -25.23 -20.16 5.23
N ALA A 154 -25.46 -19.31 6.23
CA ALA A 154 -26.71 -18.56 6.28
C ALA A 154 -26.76 -17.46 5.23
N MET A 155 -25.60 -16.93 4.84
CA MET A 155 -25.55 -15.90 3.81
C MET A 155 -25.60 -16.46 2.40
N ILE A 156 -25.45 -17.77 2.24
CA ILE A 156 -25.65 -18.41 0.94
C ILE A 156 -27.07 -18.91 0.79
N ALA A 157 -27.66 -19.40 1.88
CA ALA A 157 -29.05 -19.81 1.85
C ALA A 157 -29.98 -18.62 1.69
N ASN A 158 -29.62 -17.48 2.27
CA ASN A 158 -30.44 -16.26 2.24
C ASN A 158 -29.53 -15.08 1.99
N PRO A 159 -29.07 -14.89 0.75
CA PRO A 159 -28.07 -13.85 0.49
C PRO A 159 -28.65 -12.47 0.74
N PRO A 160 -27.82 -11.53 1.18
CA PRO A 160 -28.29 -10.17 1.42
C PRO A 160 -28.40 -9.38 0.14
N ASP A 161 -29.25 -8.34 0.19
CA ASP A 161 -29.40 -7.45 -0.96
C ASP A 161 -28.13 -6.65 -1.20
N VAL A 162 -27.47 -6.23 -0.12
CA VAL A 162 -26.20 -5.50 -0.19
C VAL A 162 -25.14 -6.39 0.43
N LEU A 163 -24.23 -6.91 -0.39
CA LEU A 163 -23.12 -7.72 0.08
C LEU A 163 -21.88 -6.85 0.22
N ILE A 164 -21.31 -6.81 1.41
CA ILE A 164 -20.07 -6.11 1.70
C ILE A 164 -18.99 -7.17 1.89
N THR A 165 -17.86 -7.00 1.22
CA THR A 165 -16.82 -8.02 1.26
C THR A 165 -15.48 -7.39 0.88
N THR A 166 -14.46 -8.23 0.78
CA THR A 166 -13.11 -7.89 0.39
C THR A 166 -12.79 -8.48 -0.98
N PRO A 167 -11.71 -8.02 -1.64
CA PRO A 167 -11.32 -8.67 -2.90
C PRO A 167 -10.98 -10.14 -2.72
N GLU A 168 -10.26 -10.47 -1.65
CA GLU A 168 -9.91 -11.87 -1.40
C GLU A 168 -11.16 -12.72 -1.20
N SER A 169 -12.11 -12.23 -0.42
CA SER A 169 -13.31 -13.02 -0.15
C SER A 169 -14.23 -13.08 -1.37
N LEU A 170 -14.30 -12.00 -2.15
CA LEU A 170 -15.01 -12.06 -3.41
C LEU A 170 -14.44 -13.16 -4.30
N PHE A 171 -13.12 -13.32 -4.29
CA PHE A 171 -12.48 -14.41 -5.03
C PHE A 171 -12.97 -15.76 -4.53
N LEU A 172 -13.12 -15.91 -3.20
CA LEU A 172 -13.55 -17.19 -2.64
C LEU A 172 -14.98 -17.53 -3.04
N MET A 173 -15.88 -16.54 -2.99
CA MET A 173 -17.27 -16.80 -3.37
C MET A 173 -17.38 -17.16 -4.84
N LEU A 174 -16.59 -16.50 -5.69
CA LEU A 174 -16.60 -16.80 -7.12
C LEU A 174 -15.99 -18.18 -7.42
N THR A 175 -15.26 -18.75 -6.47
CA THR A 175 -14.63 -20.06 -6.64
C THR A 175 -15.30 -21.09 -5.74
N SER A 176 -16.62 -20.99 -5.61
CA SER A 176 -17.40 -21.91 -4.81
C SER A 176 -18.85 -21.79 -5.22
N ALA A 177 -19.71 -22.58 -4.57
CA ALA A 177 -21.14 -22.52 -4.85
C ALA A 177 -21.78 -21.22 -4.40
N ALA A 178 -21.06 -20.37 -3.66
CA ALA A 178 -21.59 -19.09 -3.22
C ALA A 178 -21.80 -18.13 -4.38
N ARG A 179 -21.13 -18.34 -5.51
CA ARG A 179 -21.27 -17.45 -6.65
C ARG A 179 -22.69 -17.42 -7.21
N GLU A 180 -23.50 -18.45 -6.93
CA GLU A 180 -24.87 -18.46 -7.43
C GLU A 180 -25.70 -17.34 -6.83
N THR A 181 -25.30 -16.78 -5.69
CA THR A 181 -25.98 -15.64 -5.12
C THR A 181 -25.59 -14.32 -5.78
N LEU A 182 -24.54 -14.32 -6.60
CA LEU A 182 -24.05 -13.10 -7.24
C LEU A 182 -24.56 -12.95 -8.68
N THR A 183 -25.44 -13.84 -9.13
CA THR A 183 -25.89 -13.79 -10.53
C THR A 183 -26.83 -12.62 -10.81
N SER A 184 -27.35 -11.95 -9.79
CA SER A 184 -28.26 -10.83 -9.99
C SER A 184 -27.64 -9.48 -9.70
N VAL A 185 -26.32 -9.43 -9.41
CA VAL A 185 -25.69 -8.18 -9.03
C VAL A 185 -25.81 -7.17 -10.16
N ARG A 186 -26.31 -5.98 -9.82
CA ARG A 186 -26.43 -4.88 -10.78
C ARG A 186 -25.43 -3.76 -10.56
N THR A 187 -24.99 -3.54 -9.32
CA THR A 187 -24.04 -2.48 -9.00
C THR A 187 -22.84 -3.08 -8.28
N VAL A 188 -21.66 -2.54 -8.57
CA VAL A 188 -20.43 -2.92 -7.89
C VAL A 188 -19.72 -1.65 -7.46
N ILE A 189 -19.57 -1.47 -6.15
CA ILE A 189 -18.87 -0.32 -5.58
C ILE A 189 -17.48 -0.80 -5.15
N VAL A 190 -16.45 -0.11 -5.64
CA VAL A 190 -15.07 -0.39 -5.27
C VAL A 190 -14.57 0.83 -4.50
N ASP A 191 -14.66 0.75 -3.18
CA ASP A 191 -14.23 1.85 -2.32
C ASP A 191 -12.71 1.84 -2.17
N GLU A 192 -12.14 3.04 -2.03
CA GLU A 192 -10.70 3.22 -1.89
C GLU A 192 -9.95 2.53 -3.02
N VAL A 193 -10.37 2.81 -4.26
CA VAL A 193 -9.85 2.10 -5.42
C VAL A 193 -8.37 2.37 -5.64
N HIS A 194 -7.84 3.48 -5.11
CA HIS A 194 -6.42 3.76 -5.27
C HIS A 194 -5.56 2.77 -4.51
N ALA A 195 -6.09 2.16 -3.44
CA ALA A 195 -5.29 1.31 -2.58
C ALA A 195 -4.91 -0.02 -3.24
N VAL A 196 -5.56 -0.39 -4.34
CA VAL A 196 -5.26 -1.64 -5.04
C VAL A 196 -4.91 -1.42 -6.50
N ALA A 197 -5.11 -0.22 -7.05
CA ALA A 197 -4.99 -0.02 -8.48
C ALA A 197 -3.61 -0.40 -9.01
N ALA A 198 -2.56 -0.11 -8.25
CA ALA A 198 -1.19 -0.29 -8.71
C ALA A 198 -0.54 -1.55 -8.15
N THR A 199 -1.33 -2.52 -7.70
CA THR A 199 -0.79 -3.73 -7.08
C THR A 199 -1.39 -4.97 -7.74
N LYS A 200 -0.71 -6.09 -7.54
CA LYS A 200 -1.25 -7.38 -7.98
C LYS A 200 -2.51 -7.75 -7.22
N ARG A 201 -2.75 -7.13 -6.06
CA ARG A 201 -4.02 -7.33 -5.37
C ARG A 201 -5.17 -6.77 -6.19
N GLY A 202 -4.96 -5.61 -6.85
CA GLY A 202 -5.99 -5.04 -7.69
C GLY A 202 -6.15 -5.79 -9.00
N ALA A 203 -5.05 -6.28 -9.56
CA ALA A 203 -5.14 -7.15 -10.73
C ALA A 203 -5.92 -8.41 -10.39
N HIS A 204 -5.64 -8.98 -9.22
CA HIS A 204 -6.49 -10.03 -8.66
C HIS A 204 -7.94 -9.59 -8.60
N LEU A 205 -8.18 -8.37 -8.12
CA LEU A 205 -9.54 -7.84 -8.06
C LEU A 205 -10.09 -7.56 -9.46
N ALA A 206 -9.23 -7.11 -10.38
CA ALA A 206 -9.68 -6.82 -11.73
C ALA A 206 -10.22 -8.07 -12.41
N LEU A 207 -9.58 -9.22 -12.17
CA LEU A 207 -10.04 -10.47 -12.78
C LEU A 207 -11.28 -11.01 -12.09
N SER A 208 -11.36 -10.90 -10.77
CA SER A 208 -12.57 -11.32 -10.05
C SER A 208 -13.80 -10.61 -10.61
N LEU A 209 -13.69 -9.31 -10.86
CA LEU A 209 -14.82 -8.55 -11.38
C LEU A 209 -15.21 -8.99 -12.79
N GLU A 210 -14.23 -9.37 -13.62
CA GLU A 210 -14.56 -9.87 -14.94
C GLU A 210 -15.21 -11.25 -14.87
N ARG A 211 -14.75 -12.09 -13.94
CA ARG A 211 -15.42 -13.37 -13.69
C ARG A 211 -16.83 -13.15 -13.20
N LEU A 212 -17.07 -12.10 -12.42
CA LEU A 212 -18.42 -11.74 -12.02
C LEU A 212 -19.27 -11.39 -13.23
N ASP A 213 -18.78 -10.47 -14.08
CA ASP A 213 -19.54 -10.03 -15.24
C ASP A 213 -19.95 -11.19 -16.13
N GLN A 214 -19.20 -12.28 -16.11
CA GLN A 214 -19.58 -13.46 -16.89
C GLN A 214 -20.67 -14.29 -16.22
N LEU A 215 -21.00 -14.01 -14.96
CA LEU A 215 -22.10 -14.66 -14.27
C LEU A 215 -23.41 -13.90 -14.39
N LEU A 216 -23.40 -12.74 -15.03
CA LEU A 216 -24.56 -11.87 -15.12
C LEU A 216 -25.08 -11.83 -16.55
N ASP A 217 -26.37 -11.55 -16.70
CA ASP A 217 -26.91 -11.24 -18.02
C ASP A 217 -26.26 -9.99 -18.58
N THR A 218 -25.92 -9.04 -17.71
CA THR A 218 -25.36 -7.76 -18.08
C THR A 218 -24.25 -7.44 -17.09
N PRO A 219 -23.07 -7.03 -17.57
CA PRO A 219 -22.01 -6.60 -16.65
C PRO A 219 -22.51 -5.50 -15.72
N ALA A 220 -22.15 -5.62 -14.44
CA ALA A 220 -22.64 -4.69 -13.44
C ALA A 220 -22.02 -3.32 -13.63
N GLN A 221 -22.75 -2.30 -13.17
CA GLN A 221 -22.23 -0.95 -13.12
C GLN A 221 -21.16 -0.85 -12.03
N ARG A 222 -20.02 -0.24 -12.36
CA ARG A 222 -18.88 -0.17 -11.45
C ARG A 222 -18.70 1.27 -10.96
N ILE A 223 -18.61 1.44 -9.65
CA ILE A 223 -18.45 2.74 -9.02
C ILE A 223 -17.21 2.71 -8.14
N GLY A 224 -16.32 3.67 -8.32
CA GLY A 224 -15.10 3.77 -7.54
C GLY A 224 -15.05 5.05 -6.74
N LEU A 225 -14.41 4.97 -5.58
CA LEU A 225 -14.33 6.09 -4.64
C LEU A 225 -12.91 6.21 -4.12
N SER A 226 -12.42 7.45 -4.03
CA SER A 226 -11.11 7.71 -3.44
C SER A 226 -10.88 9.21 -3.35
N ALA A 227 -10.27 9.64 -2.26
CA ALA A 227 -9.84 11.03 -2.10
C ALA A 227 -8.47 11.30 -2.71
N THR A 228 -7.75 10.26 -3.14
CA THR A 228 -6.36 10.36 -3.59
C THR A 228 -6.22 9.59 -4.91
N VAL A 229 -6.57 10.27 -6.01
CA VAL A 229 -6.56 9.66 -7.34
C VAL A 229 -5.61 10.44 -8.22
N ARG A 230 -4.58 9.77 -8.73
CA ARG A 230 -3.66 10.35 -9.68
C ARG A 230 -2.89 9.25 -10.42
N PRO A 231 -3.02 9.15 -11.75
CA PRO A 231 -3.86 10.02 -12.58
C PRO A 231 -5.32 9.54 -12.62
N PRO A 232 -6.26 10.48 -12.76
CA PRO A 232 -7.68 10.08 -12.83
C PRO A 232 -7.97 9.12 -13.97
N GLU A 233 -7.39 9.34 -15.14
CA GLU A 233 -7.71 8.50 -16.30
C GLU A 233 -7.22 7.07 -16.10
N GLU A 234 -6.11 6.87 -15.38
CA GLU A 234 -5.57 5.53 -15.21
C GLU A 234 -6.34 4.74 -14.16
N VAL A 235 -6.70 5.38 -13.04
CA VAL A 235 -7.50 4.71 -12.03
C VAL A 235 -8.88 4.35 -12.60
N ALA A 236 -9.44 5.24 -13.42
CA ALA A 236 -10.71 4.93 -14.08
C ALA A 236 -10.56 3.76 -15.04
N ARG A 237 -9.40 3.63 -15.67
CA ARG A 237 -9.15 2.47 -16.53
C ARG A 237 -9.03 1.19 -15.72
N PHE A 238 -8.47 1.27 -14.50
CA PHE A 238 -8.43 0.10 -13.65
C PHE A 238 -9.83 -0.32 -13.23
N LEU A 239 -10.68 0.65 -12.88
CA LEU A 239 -12.01 0.33 -12.35
C LEU A 239 -12.88 -0.33 -13.41
N SER A 240 -12.89 0.21 -14.63
CA SER A 240 -13.83 -0.24 -15.65
C SER A 240 -13.21 -1.15 -16.70
N GLY A 241 -11.90 -1.20 -16.82
CA GLY A 241 -11.28 -1.96 -17.88
C GLY A 241 -11.53 -1.35 -19.23
N GLN A 242 -12.26 -2.05 -20.10
CA GLN A 242 -12.56 -1.54 -21.44
C GLN A 242 -13.79 -0.67 -21.48
N ALA A 243 -14.66 -0.77 -20.48
CA ALA A 243 -15.87 0.04 -20.47
C ALA A 243 -15.55 1.50 -20.17
N PRO A 244 -16.37 2.44 -20.66
CA PRO A 244 -16.12 3.86 -20.39
C PRO A 244 -16.50 4.23 -18.96
N THR A 245 -15.82 5.27 -18.46
CA THR A 245 -15.98 5.72 -17.08
C THR A 245 -16.23 7.22 -17.06
N THR A 246 -17.32 7.63 -16.42
CA THR A 246 -17.54 9.04 -16.11
C THR A 246 -16.76 9.39 -14.85
N ILE A 247 -15.81 10.32 -14.99
CA ILE A 247 -14.98 10.74 -13.85
C ILE A 247 -15.64 11.95 -13.20
N VAL A 248 -16.07 11.77 -11.95
CA VAL A 248 -16.63 12.84 -11.14
C VAL A 248 -15.54 13.36 -10.22
N CYS A 249 -15.16 14.62 -10.39
CA CYS A 249 -14.09 15.23 -9.60
C CYS A 249 -14.38 16.71 -9.45
N PRO A 250 -15.26 17.08 -8.53
CA PRO A 250 -15.62 18.49 -8.36
C PRO A 250 -14.55 19.21 -7.56
N PRO A 251 -14.57 20.56 -7.54
CA PRO A 251 -13.57 21.32 -6.78
C PRO A 251 -13.45 20.88 -5.32
N ALA A 252 -12.25 20.48 -4.91
CA ALA A 252 -12.01 19.91 -3.60
C ALA A 252 -11.51 21.00 -2.66
N ALA A 253 -12.25 21.23 -1.58
CA ALA A 253 -11.84 22.11 -0.48
C ALA A 253 -11.83 21.27 0.78
N LYS A 254 -10.64 20.84 1.19
CA LYS A 254 -10.45 20.10 2.44
C LYS A 254 -9.34 20.78 3.23
N THR A 255 -9.64 21.16 4.46
CA THR A 255 -8.70 21.89 5.30
C THR A 255 -8.03 20.94 6.27
N PHE A 256 -6.70 20.95 6.29
CA PHE A 256 -5.91 20.17 7.23
C PHE A 256 -5.19 21.11 8.18
N ASP A 257 -5.08 20.68 9.43
CA ASP A 257 -4.32 21.40 10.46
C ASP A 257 -3.14 20.51 10.85
N LEU A 258 -2.10 20.54 10.03
CA LEU A 258 -0.96 19.64 10.17
C LEU A 258 0.11 20.27 11.06
N SER A 259 0.99 19.42 11.58
CA SER A 259 1.98 19.84 12.55
C SER A 259 3.05 18.77 12.66
N VAL A 260 4.31 19.20 12.78
CA VAL A 260 5.46 18.32 12.96
C VAL A 260 6.10 18.69 14.28
N GLN A 261 5.92 17.84 15.29
CA GLN A 261 6.38 18.11 16.64
C GLN A 261 7.61 17.27 16.97
N VAL A 262 8.65 17.92 17.49
CA VAL A 262 9.86 17.27 17.96
C VAL A 262 10.05 17.63 19.44
N PRO A 263 9.85 16.68 20.36
CA PRO A 263 9.83 17.05 21.78
C PRO A 263 11.19 17.38 22.38
N VAL A 264 12.28 17.00 21.73
CA VAL A 264 13.61 17.18 22.32
C VAL A 264 14.33 18.35 21.65
N PRO A 265 15.22 19.06 22.37
CA PRO A 265 15.89 20.22 21.77
C PRO A 265 17.00 19.84 20.80
N ASP A 266 17.59 18.67 20.98
CA ASP A 266 18.70 18.23 20.13
C ASP A 266 18.60 16.72 19.98
N MET A 267 18.17 16.26 18.80
CA MET A 267 18.06 14.83 18.55
C MET A 267 19.43 14.16 18.41
N ALA A 268 20.49 14.95 18.16
CA ALA A 268 21.82 14.39 18.03
C ALA A 268 22.47 14.14 19.39
N ASN A 269 22.19 14.99 20.38
CA ASN A 269 22.68 14.84 21.75
C ASN A 269 21.46 14.75 22.64
N LEU A 270 20.98 13.53 22.87
CA LEU A 270 19.82 13.29 23.72
C LEU A 270 20.25 13.15 25.17
N ASP A 271 19.53 13.82 26.06
CA ASP A 271 19.75 13.61 27.50
C ASP A 271 19.47 12.16 27.88
N ASN A 272 18.60 11.49 27.13
CA ASN A 272 18.08 10.18 27.46
C ASN A 272 18.63 9.13 26.50
N ASN A 273 18.50 7.86 26.91
CA ASN A 273 18.87 6.73 26.07
C ASN A 273 18.18 6.78 24.71
N SER A 274 16.97 7.31 24.65
CA SER A 274 16.18 7.28 23.43
C SER A 274 15.33 8.54 23.35
N ILE A 275 14.67 8.72 22.19
CA ILE A 275 13.71 9.81 22.01
C ILE A 275 12.29 9.35 22.30
N TRP A 276 12.06 8.04 22.44
CA TRP A 276 10.71 7.54 22.69
C TRP A 276 10.06 8.11 23.94
N PRO A 277 10.71 8.20 25.10
CA PRO A 277 10.03 8.74 26.29
C PRO A 277 9.42 10.12 26.09
N ASP A 278 10.14 11.05 25.45
CA ASP A 278 9.60 12.39 25.23
C ASP A 278 8.49 12.39 24.19
N VAL A 279 8.61 11.51 23.17
CA VAL A 279 7.54 11.37 22.18
C VAL A 279 6.28 10.85 22.84
N GLU A 280 6.40 9.73 23.57
CA GLU A 280 5.26 9.14 24.25
C GLU A 280 4.60 10.13 25.21
N GLU A 281 5.39 11.02 25.81
CA GLU A 281 4.84 12.03 26.71
C GLU A 281 3.91 12.98 25.97
N ARG A 282 4.38 13.55 24.86
CA ARG A 282 3.57 14.52 24.12
C ARG A 282 2.32 13.87 23.52
N ILE A 283 2.41 12.58 23.17
CA ILE A 283 1.24 11.89 22.63
C ILE A 283 0.14 11.80 23.68
N VAL A 284 0.50 11.39 24.89
CA VAL A 284 -0.47 11.36 25.98
C VAL A 284 -0.99 12.77 26.26
N ASP A 285 -0.09 13.76 26.21
CA ASP A 285 -0.53 15.15 26.32
C ASP A 285 -1.57 15.49 25.25
N LEU A 286 -1.35 15.01 24.02
CA LEU A 286 -2.27 15.33 22.94
C LEU A 286 -3.58 14.54 23.06
N VAL A 287 -3.49 13.28 23.47
CA VAL A 287 -4.71 12.49 23.66
C VAL A 287 -5.56 13.07 24.77
N GLU A 288 -4.93 13.34 25.93
CA GLU A 288 -5.66 13.92 27.06
C GLU A 288 -6.28 15.27 26.71
N ALA A 289 -5.80 15.92 25.69
CA ALA A 289 -6.34 17.18 25.30
C ALA A 289 -7.41 17.09 24.23
N HIS A 290 -7.66 15.91 23.69
CA HIS A 290 -8.63 15.72 22.62
C HIS A 290 -9.54 14.58 22.95
N ASN A 291 -10.74 14.55 22.38
CA ASN A 291 -11.66 13.48 22.70
C ASN A 291 -11.27 12.07 22.32
N SER A 292 -10.94 11.86 21.07
CA SER A 292 -10.56 10.55 20.62
C SER A 292 -9.49 10.79 19.60
N SER A 293 -8.47 9.97 19.64
CA SER A 293 -7.32 10.13 18.77
C SER A 293 -6.91 8.78 18.22
N ILE A 294 -6.48 8.77 16.96
CA ILE A 294 -5.89 7.60 16.33
C ILE A 294 -4.39 7.86 16.18
N VAL A 295 -3.59 7.01 16.81
CA VAL A 295 -2.14 7.05 16.66
C VAL A 295 -1.75 5.95 15.69
N PHE A 296 -1.19 6.33 14.55
CA PHE A 296 -0.79 5.36 13.53
C PHE A 296 0.68 5.00 13.69
N ALA A 297 0.95 3.70 13.73
CA ALA A 297 2.30 3.16 13.76
C ALA A 297 2.54 2.34 12.51
N ASN A 298 3.76 2.39 11.97
CA ASN A 298 4.08 1.74 10.71
C ASN A 298 4.40 0.26 10.87
N SER A 299 4.14 -0.34 12.03
CA SER A 299 4.29 -1.78 12.19
C SER A 299 3.41 -2.24 13.33
N ARG A 300 3.15 -3.55 13.37
CA ARG A 300 2.31 -4.11 14.43
C ARG A 300 3.06 -4.11 15.77
N ARG A 301 4.34 -4.47 15.76
CA ARG A 301 5.11 -4.51 16.99
C ARG A 301 5.18 -3.13 17.63
N LEU A 302 5.37 -2.08 16.83
CA LEU A 302 5.41 -0.74 17.39
C LEU A 302 4.06 -0.33 17.95
N ALA A 303 2.97 -0.77 17.32
CA ALA A 303 1.63 -0.46 17.83
C ALA A 303 1.40 -1.11 19.19
N GLU A 304 1.77 -2.39 19.33
CA GLU A 304 1.71 -3.04 20.64
C GLU A 304 2.60 -2.32 21.64
N ARG A 305 3.80 -1.92 21.21
CA ARG A 305 4.73 -1.23 22.11
C ARG A 305 4.16 0.09 22.60
N LEU A 306 3.73 0.96 21.68
CA LEU A 306 3.22 2.27 22.07
C LEU A 306 2.00 2.14 22.96
N THR A 307 1.10 1.20 22.63
CA THR A 307 -0.07 0.99 23.47
C THR A 307 0.33 0.63 24.91
N SER A 308 1.37 -0.19 25.05
CA SER A 308 1.90 -0.47 26.38
C SER A 308 2.41 0.80 27.06
N ARG A 309 3.15 1.62 26.32
CA ARG A 309 3.75 2.81 26.91
C ARG A 309 2.70 3.85 27.26
N LEU A 310 1.79 4.14 26.33
CA LEU A 310 0.77 5.16 26.57
C LEU A 310 -0.09 4.80 27.78
N ASN A 311 -0.38 3.52 27.97
CA ASN A 311 -1.14 3.11 29.15
C ASN A 311 -0.30 3.25 30.41
N GLU A 312 0.97 2.84 30.36
CA GLU A 312 1.83 2.94 31.54
C GLU A 312 2.02 4.40 31.96
N ILE A 313 2.09 5.30 30.99
CA ILE A 313 2.18 6.73 31.31
C ILE A 313 0.87 7.20 31.94
N HIS A 314 -0.26 6.83 31.32
CA HIS A 314 -1.55 7.29 31.81
C HIS A 314 -1.83 6.81 33.23
N ALA A 315 -1.38 5.60 33.56
CA ALA A 315 -1.59 5.08 34.90
C ALA A 315 -0.80 5.86 35.93
N GLU A 316 0.50 6.10 35.66
CA GLU A 316 1.33 6.84 36.59
C GLU A 316 0.80 8.25 36.84
N ARG A 317 0.14 8.85 35.83
CA ARG A 317 -0.41 10.18 35.99
C ARG A 317 -1.74 10.19 36.73
N SER A 318 -2.45 9.06 36.79
CA SER A 318 -3.79 9.01 37.33
C SER A 318 -3.91 8.11 38.56
N GLY A 319 -2.81 7.66 39.13
CA GLY A 319 -2.86 6.89 40.37
C GLY A 319 -3.69 5.62 40.27
N ILE A 320 -3.68 4.98 39.10
CA ILE A 320 -4.44 3.77 38.87
C ILE A 320 -3.49 2.65 38.47
N GLU A 321 -3.90 1.42 38.77
CA GLU A 321 -3.10 0.25 38.45
C GLU A 321 -3.53 -0.35 37.11
N PRO A 348 -11.45 1.34 35.65
CA PRO A 348 -10.22 1.99 35.17
C PRO A 348 -9.87 1.58 33.74
N PRO A 349 -10.59 2.14 32.76
CA PRO A 349 -10.33 1.78 31.37
C PRO A 349 -8.93 2.18 30.94
N LEU A 350 -8.32 1.35 30.09
CA LEU A 350 -7.05 1.70 29.49
C LEU A 350 -7.21 2.95 28.63
N LEU A 351 -6.22 3.83 28.67
CA LEU A 351 -6.28 5.03 27.84
C LEU A 351 -6.23 4.67 26.35
N ALA A 352 -5.40 3.69 25.99
CA ALA A 352 -5.20 3.32 24.60
C ALA A 352 -5.34 1.81 24.43
N ARG A 353 -5.68 1.41 23.21
CA ARG A 353 -5.76 -0.01 22.87
C ARG A 353 -5.31 -0.19 21.42
N ALA A 354 -4.82 -1.40 21.13
CA ALA A 354 -4.24 -1.68 19.83
C ALA A 354 -5.28 -2.17 18.83
N HIS A 355 -5.03 -1.88 17.56
CA HIS A 355 -5.82 -2.41 16.45
C HIS A 355 -4.89 -2.70 15.30
N HIS A 356 -4.78 -3.97 14.91
CA HIS A 356 -3.99 -4.37 13.76
C HIS A 356 -4.38 -5.80 13.40
N GLY A 357 -3.75 -6.32 12.34
CA GLY A 357 -4.15 -7.60 11.78
C GLY A 357 -3.98 -8.77 12.75
N SER A 358 -2.99 -8.69 13.64
CA SER A 358 -2.74 -9.79 14.57
C SER A 358 -3.61 -9.74 15.81
N VAL A 359 -4.36 -8.66 16.01
CA VAL A 359 -5.38 -8.64 17.06
C VAL A 359 -6.53 -9.54 16.65
N SER A 360 -7.10 -10.24 17.61
CA SER A 360 -8.25 -11.09 17.32
C SER A 360 -9.42 -10.27 16.81
N LYS A 361 -10.38 -10.95 16.18
CA LYS A 361 -11.57 -10.24 15.71
C LYS A 361 -12.43 -9.75 16.87
N GLU A 362 -12.45 -10.48 17.99
CA GLU A 362 -13.24 -10.07 19.14
C GLU A 362 -12.71 -8.78 19.74
N GLN A 363 -11.39 -8.72 19.99
CA GLN A 363 -10.79 -7.50 20.51
C GLN A 363 -10.86 -6.37 19.49
N ARG A 364 -10.67 -6.69 18.20
CA ARG A 364 -10.82 -5.69 17.15
C ARG A 364 -12.23 -5.11 17.13
N ALA A 365 -13.24 -5.96 17.30
CA ALA A 365 -14.62 -5.50 17.27
C ALA A 365 -14.91 -4.54 18.42
N GLN A 366 -14.39 -4.85 19.61
CA GLN A 366 -14.63 -3.98 20.76
C GLN A 366 -13.89 -2.65 20.62
N VAL A 367 -12.73 -2.66 19.96
CA VAL A 367 -11.98 -1.42 19.75
C VAL A 367 -12.73 -0.50 18.78
N GLU A 368 -13.28 -1.08 17.71
CA GLU A 368 -14.04 -0.28 16.75
C GLU A 368 -15.33 0.24 17.37
N ASP A 369 -16.00 -0.58 18.19
CA ASP A 369 -17.25 -0.16 18.79
C ASP A 369 -17.03 0.96 19.81
N ASP A 370 -16.05 0.78 20.70
CA ASP A 370 -15.75 1.80 21.70
C ASP A 370 -15.17 3.06 21.07
N LEU A 371 -14.55 2.96 19.90
CA LEU A 371 -14.12 4.14 19.18
C LEU A 371 -15.29 4.83 18.49
N LYS A 372 -16.22 4.05 17.93
CA LYS A 372 -17.40 4.62 17.29
C LYS A 372 -18.22 5.45 18.27
N SER A 373 -18.25 5.06 19.54
CA SER A 373 -19.03 5.76 20.56
C SER A 373 -18.22 6.77 21.35
N GLY A 374 -16.92 6.89 21.09
CA GLY A 374 -16.09 7.80 21.83
C GLY A 374 -15.67 7.32 23.21
N ARG A 375 -16.14 6.14 23.64
CA ARG A 375 -15.71 5.59 24.92
C ARG A 375 -14.21 5.43 24.98
N LEU A 376 -13.58 5.08 23.86
CA LEU A 376 -12.15 4.88 23.79
C LEU A 376 -11.47 6.15 23.31
N ARG A 377 -10.54 6.67 24.11
CA ARG A 377 -9.94 7.96 23.83
C ARG A 377 -8.74 7.89 22.90
N ALA A 378 -8.11 6.71 22.77
CA ALA A 378 -6.98 6.56 21.87
C ALA A 378 -6.94 5.12 21.38
N VAL A 379 -6.61 4.97 20.09
CA VAL A 379 -6.35 3.67 19.49
C VAL A 379 -5.05 3.77 18.71
N VAL A 380 -4.15 2.81 18.92
CA VAL A 380 -2.88 2.76 18.22
C VAL A 380 -3.02 1.71 17.13
N ALA A 381 -3.11 2.16 15.87
CA ALA A 381 -3.45 1.28 14.77
C ALA A 381 -2.38 1.28 13.70
N THR A 382 -2.39 0.22 12.88
CA THR A 382 -1.62 0.17 11.66
C THR A 382 -2.50 0.73 10.52
N SER A 383 -2.18 0.38 9.27
CA SER A 383 -3.02 0.77 8.15
C SER A 383 -4.39 0.09 8.16
N SER A 384 -4.65 -0.76 9.16
CA SER A 384 -5.96 -1.40 9.28
C SER A 384 -7.09 -0.40 9.48
N LEU A 385 -6.77 0.82 9.93
CA LEU A 385 -7.76 1.88 10.08
C LEU A 385 -7.42 3.08 9.20
N GLU A 386 -6.64 2.87 8.14
CA GLU A 386 -6.17 4.00 7.33
C GLU A 386 -7.29 4.61 6.50
N LEU A 387 -8.28 3.80 6.10
CA LEU A 387 -9.20 4.19 5.04
C LEU A 387 -10.65 4.14 5.51
N GLY A 388 -11.43 5.10 5.02
CA GLY A 388 -12.88 4.97 4.98
C GLY A 388 -13.66 5.16 6.26
N ILE A 389 -13.15 4.67 7.40
CA ILE A 389 -13.92 4.65 8.63
C ILE A 389 -14.40 6.06 8.97
N ASP A 390 -15.60 6.13 9.56
CA ASP A 390 -16.27 7.39 9.86
C ASP A 390 -16.54 7.44 11.36
N MET A 391 -15.50 7.75 12.13
CA MET A 391 -15.59 7.84 13.58
C MET A 391 -15.77 9.32 13.93
N GLY A 392 -17.03 9.71 14.20
CA GLY A 392 -17.36 11.10 14.49
C GLY A 392 -16.75 11.66 15.76
N ALA A 393 -16.17 10.81 16.60
CA ALA A 393 -15.56 11.26 17.84
C ALA A 393 -14.07 11.53 17.72
N VAL A 394 -13.44 11.15 16.62
CA VAL A 394 -12.00 11.32 16.44
C VAL A 394 -11.75 12.73 15.93
N ASP A 395 -11.10 13.57 16.75
CA ASP A 395 -10.73 14.91 16.34
C ASP A 395 -9.20 15.10 16.36
N LEU A 396 -8.45 14.01 16.28
CA LEU A 396 -6.99 14.08 16.21
C LEU A 396 -6.46 12.78 15.64
N VAL A 397 -5.55 12.89 14.68
CA VAL A 397 -4.76 11.75 14.21
C VAL A 397 -3.29 12.09 14.42
N ILE A 398 -2.56 11.18 15.05
CA ILE A 398 -1.12 11.33 15.26
C ILE A 398 -0.41 10.28 14.40
N GLN A 399 0.58 10.72 13.64
CA GLN A 399 1.36 9.84 12.78
C GLN A 399 2.78 9.75 13.35
N VAL A 400 3.15 8.57 13.81
CA VAL A 400 4.49 8.32 14.31
C VAL A 400 5.36 7.87 13.14
N GLU A 401 6.47 8.58 12.91
CA GLU A 401 7.33 8.42 11.75
C GLU A 401 6.61 8.89 10.48
N ALA A 402 7.37 9.28 9.46
CA ALA A 402 6.76 9.67 8.21
C ALA A 402 5.93 8.51 7.65
N PRO A 403 4.76 8.78 7.08
CA PRO A 403 3.92 7.71 6.57
C PRO A 403 4.49 7.14 5.28
N PRO A 404 4.02 5.96 4.85
CA PRO A 404 4.63 5.33 3.67
C PRO A 404 4.49 6.11 2.37
N SER A 405 3.53 7.02 2.28
CA SER A 405 3.39 7.87 1.10
C SER A 405 2.57 9.10 1.48
N VAL A 406 2.52 10.06 0.55
CA VAL A 406 1.74 11.26 0.78
C VAL A 406 0.25 10.93 0.77
N ALA A 407 -0.17 10.06 -0.14
CA ALA A 407 -1.58 9.68 -0.22
C ALA A 407 -2.06 9.07 1.09
N SER A 408 -1.26 8.18 1.68
CA SER A 408 -1.67 7.54 2.93
C SER A 408 -1.76 8.57 4.05
N GLY A 409 -0.80 9.50 4.12
CA GLY A 409 -0.89 10.56 5.11
C GLY A 409 -2.16 11.37 4.99
N LEU A 410 -2.63 11.60 3.76
CA LEU A 410 -3.91 12.28 3.56
C LEU A 410 -5.08 11.39 3.96
N GLN A 411 -4.95 10.08 3.75
CA GLN A 411 -6.01 9.17 4.16
C GLN A 411 -6.05 8.97 5.66
N ARG A 412 -4.88 8.84 6.29
CA ARG A 412 -4.82 8.62 7.74
C ARG A 412 -5.33 9.84 8.49
N VAL A 413 -4.76 11.02 8.22
CA VAL A 413 -5.21 12.23 8.90
C VAL A 413 -6.69 12.50 8.61
N GLY A 414 -7.18 12.04 7.46
CA GLY A 414 -8.59 12.20 7.12
C GLY A 414 -9.55 11.57 8.10
N ARG A 415 -9.09 10.59 8.89
CA ARG A 415 -9.96 9.97 9.88
C ARG A 415 -10.45 10.98 10.91
N ALA A 416 -9.64 12.00 11.20
CA ALA A 416 -10.05 13.05 12.12
C ALA A 416 -10.95 14.07 11.42
N GLY A 417 -11.87 14.65 12.19
CA GLY A 417 -12.81 15.61 11.65
C GLY A 417 -13.62 15.08 10.49
N HIS A 418 -14.08 13.84 10.58
CA HIS A 418 -14.67 13.14 9.44
C HIS A 418 -16.12 13.56 9.21
N GLN A 419 -16.31 14.86 9.01
CA GLN A 419 -17.61 15.43 8.69
C GLN A 419 -17.42 16.47 7.59
N VAL A 420 -18.52 16.75 6.89
CA VAL A 420 -18.46 17.67 5.76
C VAL A 420 -18.12 19.07 6.26
N GLY A 421 -17.02 19.63 5.74
CA GLY A 421 -16.58 20.96 6.11
C GLY A 421 -15.64 21.03 7.30
N GLU A 422 -15.47 19.94 8.04
CA GLU A 422 -14.65 19.97 9.24
C GLU A 422 -13.17 19.92 8.88
N ILE A 423 -12.35 20.40 9.82
CA ILE A 423 -10.88 20.38 9.69
C ILE A 423 -10.36 19.06 10.24
N SER A 424 -9.34 18.52 9.58
CA SER A 424 -8.66 17.32 10.05
C SER A 424 -7.36 17.73 10.74
N GLN A 425 -7.26 17.42 12.03
CA GLN A 425 -6.10 17.79 12.83
C GLN A 425 -5.10 16.65 12.82
N GLY A 426 -3.87 16.93 12.39
CA GLY A 426 -2.86 15.89 12.27
C GLY A 426 -1.48 16.28 12.74
N VAL A 427 -0.90 15.47 13.62
CA VAL A 427 0.44 15.71 14.16
C VAL A 427 1.35 14.57 13.73
N LEU A 428 2.54 14.91 13.24
CA LEU A 428 3.56 13.94 12.85
C LEU A 428 4.73 14.02 13.81
N PHE A 429 5.17 12.87 14.32
CA PHE A 429 6.33 12.79 15.19
C PHE A 429 7.49 12.11 14.46
N PRO A 430 8.54 12.84 14.09
CA PRO A 430 9.73 12.18 13.55
C PRO A 430 10.38 11.29 14.59
N LYS A 431 10.93 10.17 14.13
CA LYS A 431 11.66 9.25 15.01
C LYS A 431 13.12 9.64 15.18
N HIS A 432 13.74 10.21 14.14
CA HIS A 432 15.14 10.59 14.19
C HIS A 432 15.37 11.77 13.26
N ARG A 433 16.64 12.15 13.09
CA ARG A 433 16.98 13.40 12.42
C ARG A 433 16.49 13.41 10.97
N THR A 434 16.94 12.45 10.17
CA THR A 434 16.53 12.44 8.76
C THR A 434 15.05 12.11 8.58
N ASP A 435 14.41 11.51 9.58
CA ASP A 435 12.97 11.32 9.50
C ASP A 435 12.24 12.65 9.60
N LEU A 436 12.83 13.63 10.29
CA LEU A 436 12.23 14.96 10.38
C LEU A 436 12.05 15.58 9.00
N ILE A 437 13.05 15.42 8.13
CA ILE A 437 12.92 15.87 6.75
C ILE A 437 11.82 15.09 6.05
N GLY A 438 11.71 13.79 6.34
CA GLY A 438 10.67 12.98 5.72
C GLY A 438 9.27 13.43 6.10
N CYS A 439 9.07 13.73 7.39
CA CYS A 439 7.77 14.21 7.84
C CYS A 439 7.46 15.60 7.27
N ALA A 440 8.49 16.45 7.17
CA ALA A 440 8.27 17.81 6.67
C ALA A 440 7.84 17.80 5.21
N VAL A 441 8.59 17.10 4.36
CA VAL A 441 8.20 16.99 2.96
C VAL A 441 6.81 16.38 2.83
N THR A 442 6.49 15.40 3.68
CA THR A 442 5.17 14.79 3.64
C THR A 442 4.09 15.80 3.95
N VAL A 443 4.26 16.58 5.02
CA VAL A 443 3.31 17.64 5.34
C VAL A 443 3.23 18.64 4.20
N GLN A 444 4.37 18.96 3.59
CA GLN A 444 4.39 19.90 2.48
C GLN A 444 3.55 19.39 1.31
N ARG A 445 3.77 18.14 0.90
CA ARG A 445 3.02 17.58 -0.22
C ARG A 445 1.54 17.40 0.11
N MET A 446 1.22 17.10 1.37
CA MET A 446 -0.18 16.93 1.77
C MET A 446 -0.96 18.23 1.63
N GLN A 447 -0.33 19.36 2.01
CA GLN A 447 -1.02 20.64 1.92
C GLN A 447 -1.28 21.05 0.47
N THR A 448 -0.40 20.65 -0.45
CA THR A 448 -0.59 20.94 -1.86
C THR A 448 -1.20 19.77 -2.64
N GLY A 449 -1.44 18.63 -1.98
CA GLY A 449 -2.06 17.51 -2.66
C GLY A 449 -1.19 16.83 -3.69
N ASP A 450 0.12 16.87 -3.53
CA ASP A 450 1.05 16.27 -4.49
C ASP A 450 1.26 14.80 -4.11
N ILE A 451 0.35 13.95 -4.59
CA ILE A 451 0.43 12.52 -4.33
C ILE A 451 1.15 11.82 -5.48
N GLU A 452 1.35 10.52 -5.34
CA GLU A 452 2.12 9.75 -6.30
C GLU A 452 1.26 9.37 -7.51
N THR A 453 1.92 9.25 -8.67
CA THR A 453 1.24 8.77 -9.86
C THR A 453 1.21 7.25 -9.85
N LEU A 454 0.02 6.68 -10.00
CA LEU A 454 -0.16 5.24 -9.96
C LEU A 454 -0.15 4.68 -11.37
N ARG A 455 0.33 3.44 -11.50
CA ARG A 455 0.39 2.76 -12.78
C ARG A 455 0.03 1.30 -12.57
N VAL A 456 -0.95 0.82 -13.34
CA VAL A 456 -1.42 -0.56 -13.26
C VAL A 456 -0.33 -1.50 -13.76
N PRO A 457 0.14 -2.44 -12.94
CA PRO A 457 1.07 -3.46 -13.44
C PRO A 457 0.47 -4.19 -14.64
N ALA A 458 1.29 -4.33 -15.69
CA ALA A 458 0.84 -4.86 -16.96
C ALA A 458 1.15 -6.36 -17.06
N ASN A 459 0.15 -7.13 -17.44
CA ASN A 459 0.29 -8.56 -17.70
C ASN A 459 0.99 -9.34 -16.57
N PRO A 460 0.49 -9.25 -15.32
CA PRO A 460 1.09 -10.06 -14.25
C PRO A 460 0.67 -11.51 -14.33
N LEU A 461 1.53 -12.35 -14.92
CA LEU A 461 1.13 -13.70 -15.31
C LEU A 461 0.80 -14.57 -14.12
N ASP A 462 1.43 -14.35 -12.96
CA ASP A 462 1.15 -15.19 -11.80
C ASP A 462 -0.28 -14.99 -11.31
N VAL A 463 -0.77 -13.73 -11.32
CA VAL A 463 -2.16 -13.47 -10.97
C VAL A 463 -3.10 -14.17 -11.93
N LEU A 464 -2.75 -14.16 -13.22
CA LEU A 464 -3.54 -14.88 -14.23
C LEU A 464 -3.59 -16.37 -13.93
N ALA A 465 -2.42 -16.97 -13.65
CA ALA A 465 -2.35 -18.40 -13.41
C ALA A 465 -3.24 -18.80 -12.23
N GLN A 466 -3.25 -17.99 -11.17
CA GLN A 466 -4.08 -18.31 -10.01
C GLN A 466 -5.56 -18.30 -10.36
N HIS A 467 -6.02 -17.24 -11.04
CA HIS A 467 -7.42 -17.19 -11.47
C HIS A 467 -7.73 -18.33 -12.44
N THR A 468 -6.76 -18.71 -13.28
CA THR A 468 -6.99 -19.77 -14.25
C THR A 468 -7.31 -21.10 -13.56
N VAL A 469 -6.63 -21.38 -12.45
CA VAL A 469 -6.98 -22.56 -11.66
C VAL A 469 -8.36 -22.39 -11.04
N ALA A 470 -8.68 -21.17 -10.60
CA ALA A 470 -9.92 -20.93 -9.87
C ALA A 470 -11.14 -20.89 -10.80
N VAL A 471 -11.00 -20.28 -11.98
CA VAL A 471 -12.13 -20.19 -12.88
C VAL A 471 -12.52 -21.57 -13.41
N ALA A 472 -11.55 -22.49 -13.49
CA ALA A 472 -11.80 -23.84 -13.98
C ALA A 472 -11.84 -24.87 -12.87
N ALA A 473 -11.94 -24.45 -11.61
CA ALA A 473 -11.95 -25.39 -10.49
C ALA A 473 -13.30 -26.06 -10.33
N LEU A 474 -14.37 -25.41 -10.76
CA LEU A 474 -15.73 -25.93 -10.62
C LEU A 474 -16.30 -26.47 -11.92
N GLU A 475 -15.87 -25.92 -13.06
CA GLU A 475 -16.42 -26.27 -14.37
C GLU A 475 -15.31 -26.31 -15.40
N PRO A 476 -15.54 -26.89 -16.58
CA PRO A 476 -14.57 -26.76 -17.67
C PRO A 476 -14.78 -25.43 -18.40
N VAL A 477 -13.69 -24.72 -18.65
CA VAL A 477 -13.75 -23.38 -19.22
C VAL A 477 -13.17 -23.40 -20.63
N ASP A 478 -13.74 -22.55 -21.48
CA ASP A 478 -13.23 -22.38 -22.84
C ASP A 478 -12.02 -21.47 -22.80
N ALA A 479 -10.89 -21.96 -23.34
CA ALA A 479 -9.66 -21.16 -23.32
C ALA A 479 -9.84 -19.84 -24.05
N ASP A 480 -10.64 -19.82 -25.11
CA ASP A 480 -10.89 -18.58 -25.82
C ASP A 480 -11.70 -17.61 -24.96
N ALA A 481 -12.77 -18.12 -24.32
CA ALA A 481 -13.62 -17.26 -23.49
C ALA A 481 -12.84 -16.72 -22.30
N TRP A 482 -12.00 -17.56 -21.68
CA TRP A 482 -11.19 -17.07 -20.57
C TRP A 482 -10.20 -16.01 -21.02
N PHE A 483 -9.65 -16.16 -22.23
CA PHE A 483 -8.78 -15.13 -22.78
C PHE A 483 -9.57 -13.85 -23.09
N ASP A 484 -10.80 -13.99 -23.59
CA ASP A 484 -11.61 -12.82 -23.91
C ASP A 484 -11.95 -12.03 -22.65
N ALA A 485 -12.21 -12.73 -21.53
CA ALA A 485 -12.53 -12.05 -20.29
C ALA A 485 -11.29 -11.42 -19.68
N VAL A 486 -10.16 -12.11 -19.76
CA VAL A 486 -8.91 -11.60 -19.18
C VAL A 486 -8.53 -10.28 -19.83
N ARG A 487 -8.65 -10.18 -21.16
CA ARG A 487 -8.29 -8.95 -21.85
C ARG A 487 -9.25 -7.81 -21.57
N ARG A 488 -10.45 -8.10 -21.05
CA ARG A 488 -11.38 -7.02 -20.71
C ARG A 488 -10.93 -6.28 -19.46
N SER A 489 -10.18 -6.93 -18.59
CA SER A 489 -9.62 -6.26 -17.43
C SER A 489 -8.54 -5.27 -17.87
N ALA A 490 -8.13 -4.42 -16.93
CA ALA A 490 -7.12 -3.40 -17.20
C ALA A 490 -5.70 -3.96 -17.24
N PRO A 491 -5.27 -4.80 -16.28
CA PRO A 491 -3.86 -5.25 -16.27
C PRO A 491 -3.50 -6.19 -17.41
N PHE A 492 -4.48 -6.67 -18.18
CA PHE A 492 -4.22 -7.63 -19.25
C PHE A 492 -4.75 -7.14 -20.59
N ALA A 493 -4.99 -5.84 -20.73
CA ALA A 493 -5.56 -5.30 -21.97
C ALA A 493 -4.65 -5.52 -23.17
N THR A 494 -3.36 -5.78 -22.96
CA THR A 494 -2.42 -6.03 -24.05
C THR A 494 -1.76 -7.40 -23.95
N LEU A 495 -2.35 -8.31 -23.20
CA LEU A 495 -1.76 -9.63 -22.98
C LEU A 495 -1.57 -10.37 -24.30
N PRO A 496 -0.34 -10.70 -24.69
CA PRO A 496 -0.14 -11.50 -25.90
C PRO A 496 -0.74 -12.89 -25.71
N ARG A 497 -1.42 -13.38 -26.77
CA ARG A 497 -1.97 -14.73 -26.71
C ARG A 497 -0.89 -15.76 -26.47
N SER A 498 0.35 -15.49 -26.91
CA SER A 498 1.45 -16.40 -26.64
C SER A 498 1.74 -16.51 -25.15
N ALA A 499 1.75 -15.37 -24.44
CA ALA A 499 1.93 -15.40 -22.99
C ALA A 499 0.77 -16.09 -22.29
N PHE A 500 -0.44 -15.95 -22.82
CA PHE A 500 -1.60 -16.63 -22.24
C PHE A 500 -1.45 -18.14 -22.37
N GLU A 501 -1.19 -18.63 -23.58
CA GLU A 501 -1.00 -20.05 -23.78
C GLU A 501 0.22 -20.57 -23.02
N ALA A 502 1.27 -19.75 -22.95
CA ALA A 502 2.45 -20.15 -22.18
C ALA A 502 2.09 -20.39 -20.72
N THR A 503 1.24 -19.54 -20.15
CA THR A 503 0.81 -19.75 -18.77
C THR A 503 -0.02 -21.02 -18.63
N LEU A 504 -0.92 -21.28 -19.60
CA LEU A 504 -1.74 -22.48 -19.53
C LEU A 504 -0.89 -23.74 -19.66
N ASP A 505 0.17 -23.68 -20.48
CA ASP A 505 1.08 -24.82 -20.61
C ASP A 505 1.71 -25.18 -19.28
N LEU A 506 2.21 -24.16 -18.57
CA LEU A 506 2.86 -24.39 -17.29
C LEU A 506 1.88 -25.00 -16.29
N LEU A 507 0.65 -24.50 -16.26
CA LEU A 507 -0.37 -25.05 -15.39
C LEU A 507 -0.79 -26.45 -15.79
N SER A 508 -0.54 -26.85 -17.04
CA SER A 508 -0.98 -28.14 -17.55
C SER A 508 0.20 -29.07 -17.83
N GLY A 509 1.03 -28.78 -18.83
CA GLY A 509 2.11 -29.69 -19.19
C GLY A 509 3.41 -29.01 -19.57
N LYS A 510 4.51 -29.50 -19.02
CA LYS A 510 5.83 -28.96 -19.30
C LYS A 510 6.84 -30.08 -19.57
N ALA A 517 11.30 -31.78 -12.24
CA ALA A 517 9.88 -31.87 -11.91
C ALA A 517 9.65 -31.57 -10.43
N GLU A 518 10.11 -30.40 -9.98
CA GLU A 518 9.91 -29.96 -8.61
C GLU A 518 8.68 -29.06 -8.46
N LEU A 519 7.73 -29.14 -9.39
CA LEU A 519 6.48 -28.39 -9.32
C LEU A 519 5.31 -29.31 -9.63
N ARG A 520 4.10 -28.82 -9.37
CA ARG A 520 2.88 -29.59 -9.56
C ARG A 520 1.96 -28.83 -10.51
N PRO A 521 1.60 -29.41 -11.66
CA PRO A 521 0.57 -28.79 -12.51
C PRO A 521 -0.82 -29.08 -11.99
N ARG A 522 -1.71 -28.11 -12.20
CA ARG A 522 -3.03 -28.14 -11.56
C ARG A 522 -4.20 -28.21 -12.54
N LEU A 523 -3.94 -28.17 -13.86
CA LEU A 523 -5.00 -28.20 -14.85
C LEU A 523 -4.63 -29.19 -15.95
N VAL A 524 -5.64 -29.59 -16.71
CA VAL A 524 -5.47 -30.43 -17.89
C VAL A 524 -6.00 -29.66 -19.08
N TYR A 525 -5.19 -29.56 -20.13
CA TYR A 525 -5.46 -28.71 -21.28
C TYR A 525 -5.75 -29.57 -22.50
N ASP A 526 -6.92 -29.39 -23.10
CA ASP A 526 -7.31 -30.08 -24.33
C ASP A 526 -7.24 -29.06 -25.46
N ARG A 527 -6.11 -29.06 -26.18
CA ARG A 527 -5.89 -28.05 -27.20
C ARG A 527 -6.74 -28.27 -28.44
N ASP A 528 -7.08 -29.54 -28.73
CA ASP A 528 -8.00 -29.81 -29.84
C ASP A 528 -9.37 -29.18 -29.58
N THR A 529 -9.85 -29.26 -28.33
CA THR A 529 -11.12 -28.66 -27.94
C THR A 529 -10.96 -27.24 -27.42
N GLY A 530 -9.80 -26.91 -26.86
CA GLY A 530 -9.62 -25.61 -26.22
C GLY A 530 -10.19 -25.56 -24.83
N THR A 531 -10.21 -26.68 -24.12
CA THR A 531 -10.89 -26.80 -22.82
C THR A 531 -9.86 -27.04 -21.72
N LEU A 532 -10.04 -26.35 -20.61
CA LEU A 532 -9.25 -26.56 -19.39
C LEU A 532 -10.14 -27.20 -18.33
N THR A 533 -9.69 -28.31 -17.77
CA THR A 533 -10.37 -28.96 -16.66
C THR A 533 -9.42 -29.02 -15.46
N ALA A 534 -10.01 -29.14 -14.28
CA ALA A 534 -9.26 -29.14 -13.04
C ALA A 534 -8.83 -30.55 -12.66
N ARG A 535 -7.64 -30.65 -12.09
CA ARG A 535 -7.20 -31.88 -11.45
C ARG A 535 -7.68 -31.89 -10.00
N PRO A 536 -7.76 -33.08 -9.39
CA PRO A 536 -8.29 -33.16 -8.03
C PRO A 536 -7.65 -32.17 -7.07
N GLY A 537 -8.49 -31.47 -6.32
CA GLY A 537 -8.04 -30.52 -5.33
C GLY A 537 -7.70 -29.14 -5.84
N ALA A 538 -8.06 -28.82 -7.08
CA ALA A 538 -7.75 -27.50 -7.62
C ALA A 538 -8.48 -26.41 -6.85
N GLN A 539 -9.76 -26.62 -6.56
CA GLN A 539 -10.54 -25.63 -5.81
C GLN A 539 -9.95 -25.41 -4.42
N ARG A 540 -9.69 -26.50 -3.70
CA ARG A 540 -9.09 -26.37 -2.37
C ARG A 540 -7.72 -25.68 -2.45
N LEU A 541 -7.03 -25.83 -3.57
CA LEU A 541 -5.76 -25.15 -3.76
C LEU A 541 -5.96 -23.65 -3.96
N ALA A 542 -6.96 -23.26 -4.75
CA ALA A 542 -7.18 -21.85 -5.03
C ALA A 542 -7.73 -21.10 -3.82
N VAL A 543 -8.66 -21.73 -3.09
CA VAL A 543 -9.31 -21.02 -2.00
C VAL A 543 -8.39 -20.90 -0.78
N THR A 544 -7.44 -21.81 -0.62
CA THR A 544 -6.45 -21.71 0.45
C THR A 544 -5.20 -20.95 0.02
N SER A 545 -5.24 -20.27 -1.14
CA SER A 545 -4.06 -19.56 -1.63
C SER A 545 -3.80 -18.29 -0.85
N GLY A 546 -4.86 -17.60 -0.42
CA GLY A 546 -4.71 -16.32 0.25
C GLY A 546 -4.73 -15.12 -0.65
N GLY A 547 -4.80 -15.30 -1.97
CA GLY A 547 -4.88 -14.19 -2.89
C GLY A 547 -3.55 -13.73 -3.43
N ALA A 548 -3.35 -12.42 -3.51
CA ALA A 548 -2.15 -11.85 -4.08
C ALA A 548 -1.12 -11.41 -3.05
N ILE A 549 -1.53 -11.17 -1.81
CA ILE A 549 -0.58 -10.72 -0.78
C ILE A 549 0.43 -11.82 -0.52
N PRO A 550 1.73 -11.53 -0.56
CA PRO A 550 2.74 -12.60 -0.41
C PRO A 550 3.03 -12.92 1.05
N ASP A 551 3.47 -14.16 1.25
CA ASP A 551 3.99 -14.59 2.55
C ASP A 551 5.39 -14.01 2.70
N ARG A 552 5.52 -12.99 3.52
CA ARG A 552 6.82 -12.45 3.90
C ARG A 552 7.20 -12.94 5.29
N GLY A 553 8.49 -12.85 5.59
CA GLY A 553 8.98 -13.27 6.88
C GLY A 553 10.46 -13.04 7.06
N MET A 554 10.88 -12.82 8.30
CA MET A 554 12.27 -12.51 8.61
C MET A 554 12.97 -13.73 9.19
N PHE A 555 14.23 -13.89 8.83
CA PHE A 555 15.10 -14.91 9.41
C PHE A 555 15.44 -14.49 10.83
N THR A 556 14.69 -14.99 11.81
CA THR A 556 15.05 -14.78 13.21
C THR A 556 16.20 -15.73 13.52
N VAL A 557 17.42 -15.19 13.44
CA VAL A 557 18.60 -15.99 13.15
C VAL A 557 18.29 -16.72 11.84
N TYR A 558 18.06 -18.03 11.87
CA TYR A 558 17.97 -18.80 10.64
C TYR A 558 16.78 -19.75 10.62
N LEU A 559 15.92 -19.58 9.61
CA LEU A 559 14.87 -20.53 9.25
C LEU A 559 15.04 -20.84 7.77
N ALA A 560 14.98 -22.11 7.38
CA ALA A 560 15.47 -22.40 6.05
C ALA A 560 16.95 -21.98 6.23
N SER A 561 17.55 -22.54 7.29
CA SER A 561 18.88 -22.25 7.86
C SER A 561 20.16 -22.49 7.09
N GLU A 562 21.21 -21.79 7.54
CA GLU A 562 22.53 -21.79 6.94
C GLU A 562 23.60 -21.57 8.00
N THR A 563 23.35 -22.05 9.23
CA THR A 563 24.10 -21.63 10.39
C THR A 563 25.60 -21.78 10.20
N GLU A 564 26.35 -20.86 10.78
CA GLU A 564 27.82 -20.89 10.75
C GLU A 564 28.38 -19.79 11.63
N GLU A 571 17.40 -11.06 14.00
CA GLU A 571 16.54 -10.92 12.83
C GLU A 571 17.31 -10.35 11.63
N LEU A 572 17.06 -10.91 10.45
CA LEU A 572 17.70 -10.46 9.22
C LEU A 572 16.71 -10.60 8.07
N ASP A 573 16.86 -9.72 7.08
CA ASP A 573 15.96 -9.70 5.93
C ASP A 573 16.22 -10.90 5.03
N GLU A 574 15.15 -11.41 4.43
CA GLU A 574 15.27 -12.56 3.52
C GLU A 574 16.23 -12.29 2.38
N GLU A 575 16.27 -11.04 1.89
CA GLU A 575 17.22 -10.69 0.84
C GLU A 575 18.64 -10.54 1.39
N MET A 576 18.78 -9.88 2.54
CA MET A 576 20.10 -9.80 3.18
C MET A 576 20.66 -11.18 3.48
N VAL A 577 19.79 -12.13 3.85
CA VAL A 577 20.24 -13.48 4.15
C VAL A 577 20.68 -14.21 2.87
N TYR A 578 20.01 -13.93 1.75
CA TYR A 578 20.39 -14.58 0.49
C TYR A 578 21.82 -14.26 0.10
N GLU A 579 22.34 -13.12 0.55
CA GLU A 579 23.75 -12.74 0.36
C GLU A 579 24.48 -13.08 1.66
N SER A 580 24.98 -14.30 1.75
CA SER A 580 25.56 -14.82 2.97
C SER A 580 27.06 -14.51 3.09
N PRO A 609 34.77 -11.02 16.14
CA PRO A 609 34.98 -10.18 17.33
C PRO A 609 35.14 -8.70 16.99
N GLY A 610 36.23 -8.36 16.30
CA GLY A 610 36.47 -7.00 15.87
C GLY A 610 37.02 -6.94 14.46
N GLN A 611 36.35 -7.62 13.54
CA GLN A 611 36.71 -7.69 12.13
C GLN A 611 35.62 -7.04 11.28
N PRO A 612 35.95 -6.53 10.09
CA PRO A 612 34.97 -5.75 9.33
C PRO A 612 33.80 -6.60 8.87
N ALA A 613 32.59 -6.09 9.12
CA ALA A 613 31.36 -6.81 8.84
C ALA A 613 30.51 -6.04 7.83
N ARG A 614 29.64 -6.77 7.14
CA ARG A 614 28.71 -6.17 6.20
C ARG A 614 27.52 -5.57 6.94
N LEU A 615 27.02 -4.46 6.40
CA LEU A 615 25.89 -3.77 7.01
C LEU A 615 24.60 -4.44 6.56
N PRO A 616 23.81 -5.02 7.49
CA PRO A 616 22.56 -5.70 7.09
C PRO A 616 21.63 -4.83 6.26
N PHE A 617 21.37 -5.27 5.03
CA PHE A 617 20.41 -4.59 4.18
C PHE A 617 19.00 -4.85 4.69
N TRP A 618 18.22 -3.78 4.86
CA TRP A 618 16.85 -3.87 5.34
C TRP A 618 15.93 -3.25 4.28
N ARG A 619 15.11 -4.08 3.65
CA ARG A 619 13.99 -3.58 2.86
C ARG A 619 12.77 -3.58 3.77
N GLY A 620 12.34 -2.38 4.17
CA GLY A 620 11.18 -2.23 5.02
C GLY A 620 10.00 -3.04 4.52
N ASP A 621 9.52 -2.71 3.32
CA ASP A 621 8.48 -3.48 2.66
C ASP A 621 8.22 -2.97 1.25
N SER A 622 8.00 -3.89 0.31
CA SER A 622 7.66 -3.58 -1.07
C SER A 622 8.69 -2.73 -1.78
N VAL A 623 8.28 -1.61 -2.39
CA VAL A 623 9.10 -0.98 -3.42
C VAL A 623 10.06 0.05 -2.84
N GLY A 624 9.59 0.99 -2.03
CA GLY A 624 10.43 2.07 -1.54
C GLY A 624 9.94 3.42 -2.03
N ARG A 625 10.75 4.44 -1.79
CA ARG A 625 10.36 5.81 -2.10
C ARG A 625 10.25 6.01 -3.61
N PRO A 626 9.20 6.64 -4.10
CA PRO A 626 9.10 6.92 -5.54
C PRO A 626 9.96 8.09 -5.95
N ALA A 627 10.28 8.14 -7.25
CA ALA A 627 11.28 9.07 -7.76
C ALA A 627 10.81 10.52 -7.67
N GLU A 628 9.54 10.78 -7.97
CA GLU A 628 9.03 12.16 -7.89
C GLU A 628 9.07 12.67 -6.45
N LEU A 629 8.70 11.82 -5.49
CA LEU A 629 8.83 12.23 -4.08
C LEU A 629 10.29 12.33 -3.67
N GLY A 630 11.13 11.46 -4.20
CA GLY A 630 12.56 11.58 -3.94
C GLY A 630 13.12 12.90 -4.42
N ALA A 631 12.67 13.36 -5.59
CA ALA A 631 13.07 14.67 -6.08
C ALA A 631 12.60 15.77 -5.14
N ALA A 632 11.35 15.69 -4.67
CA ALA A 632 10.82 16.70 -3.77
C ALA A 632 11.60 16.76 -2.46
N VAL A 633 12.13 15.61 -2.01
CA VAL A 633 12.90 15.58 -0.77
C VAL A 633 14.20 16.36 -0.93
N GLY A 634 14.90 16.15 -2.04
CA GLY A 634 16.15 16.86 -2.27
C GLY A 634 15.94 18.35 -2.49
N ALA A 635 14.90 18.71 -3.24
CA ALA A 635 14.60 20.12 -3.45
C ALA A 635 14.22 20.81 -2.16
N PHE A 636 13.62 20.07 -1.22
CA PHE A 636 13.35 20.64 0.10
C PHE A 636 14.64 20.81 0.90
N THR A 637 15.51 19.80 0.88
CA THR A 637 16.76 19.88 1.63
C THR A 637 17.65 20.99 1.11
N GLY A 638 17.81 21.05 -0.21
CA GLY A 638 18.63 22.12 -0.78
C GLY A 638 18.08 23.50 -0.49
N GLU A 639 16.77 23.69 -0.66
CA GLU A 639 16.18 25.00 -0.47
C GLU A 639 16.37 25.50 0.96
N LEU A 640 15.96 24.69 1.94
CA LEU A 640 16.00 25.15 3.32
C LEU A 640 17.40 25.20 3.89
N ALA A 641 18.36 24.47 3.30
CA ALA A 641 19.75 24.58 3.72
C ALA A 641 20.44 25.81 3.17
N SER A 642 19.68 26.79 2.63
CA SER A 642 20.27 28.00 2.08
C SER A 642 19.46 29.24 2.47
N LEU A 643 18.84 29.22 3.65
CA LEU A 643 17.97 30.31 4.08
C LEU A 643 18.50 30.90 5.37
N ASP A 644 18.51 32.22 5.46
CA ASP A 644 18.71 32.89 6.74
C ASP A 644 17.63 32.42 7.72
N ARG A 645 17.94 32.51 9.01
CA ARG A 645 17.03 31.96 10.02
C ARG A 645 15.64 32.57 9.93
N LYS A 646 15.49 33.75 9.33
CA LYS A 646 14.19 34.38 9.18
C LYS A 646 13.33 33.60 8.18
N ALA A 647 13.72 33.61 6.91
CA ALA A 647 12.99 32.84 5.89
C ALA A 647 12.87 31.37 6.28
N PHE A 648 13.88 30.85 6.98
CA PHE A 648 13.81 29.48 7.48
C PHE A 648 12.64 29.30 8.44
N ASP A 649 12.52 30.21 9.42
CA ASP A 649 11.44 30.09 10.40
C ASP A 649 10.07 30.26 9.74
N LYS A 650 9.95 31.21 8.81
CA LYS A 650 8.69 31.35 8.08
C LYS A 650 8.32 30.07 7.36
N ARG A 651 9.30 29.45 6.69
CA ARG A 651 9.04 28.24 5.92
C ARG A 651 8.56 27.10 6.82
N CYS A 652 9.18 26.95 7.98
CA CYS A 652 8.82 25.85 8.87
C CYS A 652 7.43 26.03 9.48
N GLN A 653 7.01 27.28 9.70
CA GLN A 653 5.76 27.52 10.43
C GLN A 653 4.54 27.24 9.58
N LYS A 654 4.62 27.43 8.26
CA LYS A 654 3.51 27.04 7.41
C LYS A 654 3.44 25.53 7.19
N MET A 655 4.33 24.77 7.81
CA MET A 655 4.22 23.33 7.91
C MET A 655 3.71 22.86 9.27
N GLY A 656 3.57 23.78 10.22
CA GLY A 656 3.13 23.41 11.55
C GLY A 656 4.22 22.92 12.47
N PHE A 657 5.49 23.24 12.18
CA PHE A 657 6.59 22.87 13.05
C PHE A 657 6.34 23.35 14.47
N ALA A 658 6.55 22.46 15.45
CA ALA A 658 6.28 22.79 16.84
C ALA A 658 7.29 22.07 17.73
N GLY A 659 7.42 22.59 18.95
CA GLY A 659 8.37 22.04 19.90
C GLY A 659 9.77 22.54 19.65
N TYR A 660 10.61 21.69 19.04
CA TYR A 660 11.95 22.08 18.61
C TYR A 660 12.22 21.61 17.20
N ALA A 661 11.17 21.50 16.37
CA ALA A 661 11.35 21.00 15.02
C ALA A 661 12.15 21.96 14.15
N THR A 662 12.03 23.27 14.40
CA THR A 662 12.82 24.24 13.63
C THR A 662 14.28 24.20 14.04
N ASP A 663 14.56 24.13 15.34
CA ASP A 663 15.95 24.09 15.81
C ASP A 663 16.68 22.87 15.25
N ASN A 664 16.03 21.70 15.29
CA ASN A 664 16.71 20.46 14.92
C ASN A 664 16.91 20.34 13.42
N LEU A 665 15.96 20.84 12.63
CA LEU A 665 16.15 20.83 11.17
C LEU A 665 17.29 21.76 10.77
N HIS A 666 17.30 22.97 11.32
CA HIS A 666 18.37 23.92 11.02
C HIS A 666 19.73 23.35 11.43
N GLN A 667 19.82 22.82 12.64
CA GLN A 667 21.07 22.25 13.11
C GLN A 667 21.49 21.06 12.24
N LEU A 668 20.54 20.22 11.85
CA LEU A 668 20.85 19.07 11.01
C LEU A 668 21.47 19.51 9.69
N LEU A 669 20.86 20.48 9.02
CA LEU A 669 21.36 20.93 7.73
C LEU A 669 22.67 21.69 7.89
N ARG A 670 22.79 22.49 8.95
CA ARG A 670 24.05 23.18 9.21
C ARG A 670 25.19 22.19 9.38
N GLU A 671 25.00 21.18 10.24
CA GLU A 671 26.05 20.19 10.48
C GLU A 671 26.36 19.41 9.21
N GLN A 672 25.34 19.05 8.44
CA GLN A 672 25.60 18.37 7.16
C GLN A 672 26.35 19.28 6.21
N ARG A 673 26.02 20.58 6.21
CA ARG A 673 26.76 21.53 5.41
C ARG A 673 28.19 21.68 5.91
N GLU A 674 28.39 21.69 7.22
CA GLU A 674 29.74 21.78 7.77
C GLU A 674 30.56 20.53 7.47
N ALA A 675 29.90 19.40 7.28
CA ALA A 675 30.63 18.14 7.10
C ALA A 675 31.01 17.89 5.64
N THR A 676 30.11 18.16 4.70
CA THR A 676 30.38 17.92 3.29
C THR A 676 30.36 19.20 2.45
N GLY A 677 30.38 20.37 3.09
CA GLY A 677 30.40 21.61 2.35
C GLY A 677 29.03 21.98 1.81
N VAL A 678 28.40 21.05 1.10
CA VAL A 678 27.06 21.22 0.55
C VAL A 678 26.20 20.04 1.00
N VAL A 679 24.89 20.21 0.86
CA VAL A 679 23.96 19.15 1.26
C VAL A 679 23.39 18.49 0.01
N PRO A 680 23.13 17.18 0.05
CA PRO A 680 22.54 16.51 -1.11
C PRO A 680 21.15 17.07 -1.41
N SER A 681 20.81 17.05 -2.69
CA SER A 681 19.55 17.64 -3.15
C SER A 681 19.18 17.02 -4.49
N ASP A 682 18.07 17.51 -5.06
CA ASP A 682 17.64 17.06 -6.37
C ASP A 682 18.60 17.45 -7.48
N THR A 683 19.48 18.42 -7.23
CA THR A 683 20.42 18.89 -8.24
C THR A 683 21.87 18.52 -7.95
N THR A 684 22.21 18.16 -6.70
CA THR A 684 23.58 17.87 -6.33
C THR A 684 23.62 16.58 -5.52
N PHE A 685 24.31 15.56 -6.04
CA PHE A 685 24.64 14.38 -5.26
C PHE A 685 25.98 14.60 -4.57
N VAL A 686 26.17 13.96 -3.43
CA VAL A 686 27.42 14.04 -2.67
C VAL A 686 27.98 12.64 -2.50
N VAL A 687 29.22 12.45 -2.94
CA VAL A 687 29.95 11.21 -2.72
C VAL A 687 30.90 11.44 -1.55
N GLU A 688 30.66 10.75 -0.44
CA GLU A 688 31.41 10.95 0.79
C GLU A 688 32.27 9.72 1.06
N ARG A 689 33.53 9.96 1.42
CA ARG A 689 34.48 8.89 1.66
C ARG A 689 35.17 9.08 3.00
N PHE A 690 35.36 7.96 3.71
CA PHE A 690 36.11 7.94 4.95
C PHE A 690 36.63 6.53 5.16
N ARG A 691 37.57 6.39 6.10
CA ARG A 691 38.13 5.09 6.43
C ARG A 691 37.53 4.60 7.74
N ASP A 692 37.26 3.30 7.79
CA ASP A 692 36.71 2.69 8.99
C ASP A 692 37.75 2.72 10.12
N GLU A 693 37.27 2.51 11.34
CA GLU A 693 38.17 2.34 12.47
C GLU A 693 39.10 1.15 12.27
N LEU A 694 38.72 0.21 11.39
CA LEU A 694 39.56 -0.91 11.02
C LEU A 694 40.40 -0.61 9.78
N GLY A 695 40.44 0.65 9.34
CA GLY A 695 41.25 1.06 8.21
C GLY A 695 40.61 0.87 6.86
N ASP A 696 39.39 0.36 6.79
CA ASP A 696 38.75 0.05 5.52
C ASP A 696 37.99 1.26 4.98
N TRP A 697 38.05 1.44 3.66
CA TRP A 697 37.39 2.57 3.03
C TRP A 697 35.88 2.38 3.01
N ARG A 698 35.16 3.50 3.00
CA ARG A 698 33.71 3.50 2.87
C ARG A 698 33.30 4.70 2.02
N VAL A 699 32.71 4.43 0.86
CA VAL A 699 32.30 5.46 -0.09
C VAL A 699 30.78 5.45 -0.15
N ILE A 700 30.17 6.58 0.22
CA ILE A 700 28.73 6.71 0.32
C ILE A 700 28.25 7.68 -0.75
N LEU A 701 27.27 7.26 -1.53
CA LEU A 701 26.59 8.13 -2.48
C LEU A 701 25.35 8.71 -1.80
N HIS A 702 25.25 10.04 -1.77
CA HIS A 702 24.11 10.71 -1.18
C HIS A 702 23.17 11.18 -2.28
N SER A 703 21.91 10.77 -2.20
CA SER A 703 20.88 11.08 -3.19
C SER A 703 19.51 10.75 -2.61
N PRO A 704 18.52 11.63 -2.77
CA PRO A 704 17.20 11.38 -2.18
C PRO A 704 16.24 10.61 -3.07
N TYR A 705 16.66 10.16 -4.25
CA TYR A 705 15.74 9.70 -5.28
C TYR A 705 15.14 8.32 -5.03
N GLY A 706 15.18 7.85 -3.81
CA GLY A 706 14.42 6.68 -3.41
C GLY A 706 15.08 5.36 -3.81
N LEU A 707 14.58 4.29 -3.20
CA LEU A 707 15.15 2.96 -3.39
C LEU A 707 14.88 2.39 -4.78
N ARG A 708 13.79 2.81 -5.43
CA ARG A 708 13.48 2.28 -6.76
C ARG A 708 14.54 2.63 -7.78
N VAL A 709 15.32 3.68 -7.53
CA VAL A 709 16.42 4.07 -8.40
C VAL A 709 17.75 3.55 -7.88
N HIS A 710 17.91 3.51 -6.54
CA HIS A 710 19.15 3.06 -5.92
C HIS A 710 19.30 1.55 -5.91
N GLY A 711 18.20 0.81 -5.98
CA GLY A 711 18.24 -0.62 -6.12
C GLY A 711 18.99 -1.06 -7.37
N PRO A 712 18.48 -0.67 -8.55
CA PRO A 712 19.18 -1.04 -9.79
C PRO A 712 20.53 -0.38 -9.93
N LEU A 713 20.71 0.82 -9.37
CA LEU A 713 22.03 1.46 -9.43
C LEU A 713 23.07 0.68 -8.66
N ALA A 714 22.68 0.06 -7.54
CA ALA A 714 23.61 -0.79 -6.80
C ALA A 714 24.00 -2.03 -7.61
N LEU A 715 23.07 -2.57 -8.41
CA LEU A 715 23.40 -3.67 -9.31
C LEU A 715 24.51 -3.27 -10.27
N ALA A 716 24.40 -2.08 -10.86
CA ALA A 716 25.41 -1.62 -11.81
C ALA A 716 26.75 -1.39 -11.13
N VAL A 717 26.74 -0.74 -9.97
CA VAL A 717 27.97 -0.52 -9.21
C VAL A 717 28.59 -1.86 -8.82
N GLY A 718 27.76 -2.83 -8.42
CA GLY A 718 28.28 -4.13 -8.05
C GLY A 718 29.00 -4.82 -9.20
N ARG A 719 28.38 -4.81 -10.39
CA ARG A 719 29.01 -5.39 -11.56
C ARG A 719 30.39 -4.78 -11.81
N ARG A 720 30.47 -3.45 -11.78
CA ARG A 720 31.75 -2.79 -11.98
C ARG A 720 32.73 -3.09 -10.86
N LEU A 721 32.25 -3.11 -9.61
CA LEU A 721 33.13 -3.30 -8.47
C LEU A 721 33.89 -4.62 -8.57
N ARG A 722 33.19 -5.71 -8.92
CA ARG A 722 33.86 -6.99 -9.06
C ARG A 722 34.53 -7.17 -10.42
N GLU A 723 34.23 -6.30 -11.39
CA GLU A 723 34.91 -6.33 -12.68
C GLU A 723 36.12 -5.39 -12.71
N ARG A 724 35.89 -4.11 -12.41
CA ARG A 724 36.97 -3.12 -12.49
C ARG A 724 37.89 -3.18 -11.29
N TYR A 725 37.38 -3.54 -10.11
CA TYR A 725 38.19 -3.61 -8.90
C TYR A 725 38.35 -5.01 -8.34
N GLY A 726 37.51 -5.95 -8.73
CA GLY A 726 37.60 -7.31 -8.22
C GLY A 726 37.10 -7.47 -6.80
N ILE A 727 36.05 -6.73 -6.43
CA ILE A 727 35.48 -6.76 -5.09
C ILE A 727 34.08 -7.33 -5.19
N ASP A 728 33.84 -8.45 -4.49
CA ASP A 728 32.57 -9.16 -4.60
C ASP A 728 31.53 -8.70 -3.59
N GLU A 729 31.87 -7.83 -2.66
CA GLU A 729 30.91 -7.38 -1.66
C GLU A 729 29.87 -6.47 -2.31
N LYS A 730 28.60 -6.85 -2.22
CA LYS A 730 27.54 -6.14 -2.91
C LYS A 730 27.14 -4.90 -2.11
N PRO A 731 27.02 -3.73 -2.74
CA PRO A 731 26.76 -2.51 -1.99
C PRO A 731 25.35 -2.47 -1.42
N THR A 732 25.22 -1.86 -0.24
CA THR A 732 23.94 -1.70 0.42
C THR A 732 23.24 -0.45 -0.11
N ALA A 733 21.97 -0.60 -0.48
CA ALA A 733 21.18 0.46 -1.07
C ALA A 733 19.99 0.79 -0.19
N SER A 734 19.63 2.07 -0.13
CA SER A 734 18.50 2.53 0.67
C SER A 734 17.82 3.66 -0.07
N ASP A 735 16.82 4.28 0.58
CA ASP A 735 16.12 5.40 -0.02
C ASP A 735 17.05 6.59 -0.24
N ASP A 736 17.99 6.81 0.68
CA ASP A 736 18.78 8.03 0.69
C ASP A 736 20.25 7.78 0.34
N GLY A 737 20.53 6.78 -0.48
CA GLY A 737 21.86 6.63 -1.03
C GLY A 737 22.28 5.18 -1.12
N ILE A 738 23.58 4.99 -1.38
CA ILE A 738 24.19 3.69 -1.56
C ILE A 738 25.50 3.65 -0.78
N ILE A 739 25.71 2.57 -0.04
CA ILE A 739 26.89 2.39 0.80
C ILE A 739 27.81 1.37 0.15
N VAL A 740 29.07 1.75 -0.04
CA VAL A 740 30.11 0.87 -0.59
C VAL A 740 31.23 0.77 0.43
N ARG A 741 31.80 -0.43 0.57
CA ARG A 741 32.94 -0.65 1.46
C ARG A 741 34.05 -1.34 0.68
N LEU A 742 35.26 -0.79 0.78
CA LEU A 742 36.42 -1.34 0.09
C LEU A 742 37.58 -1.43 1.07
N PRO A 743 38.27 -2.56 1.14
CA PRO A 743 39.48 -2.62 1.98
C PRO A 743 40.53 -1.66 1.45
N ASP A 744 41.34 -1.14 2.39
CA ASP A 744 42.31 -0.10 2.05
C ASP A 744 43.26 -0.59 0.96
N SER A 745 43.52 0.29 -0.01
CA SER A 745 44.35 -0.06 -1.15
C SER A 745 45.83 0.15 -0.83
N PRO A 750 38.19 4.50 -5.26
CA PRO A 750 37.70 5.37 -4.20
C PRO A 750 36.89 6.56 -4.71
N GLY A 751 36.65 6.63 -6.02
CA GLY A 751 36.13 7.82 -6.66
C GLY A 751 34.61 7.83 -6.85
N ALA A 752 34.12 8.97 -7.33
CA ALA A 752 32.70 9.17 -7.58
C ALA A 752 32.25 8.73 -8.97
N ASP A 753 33.19 8.54 -9.90
CA ASP A 753 32.85 7.99 -11.20
C ASP A 753 32.33 6.55 -11.09
N LEU A 754 32.48 5.93 -9.92
CA LEU A 754 31.96 4.58 -9.71
C LEU A 754 30.46 4.53 -9.90
N PHE A 755 29.76 5.57 -9.48
CA PHE A 755 28.30 5.60 -9.56
C PHE A 755 27.77 6.09 -10.90
N VAL A 756 28.58 6.81 -11.67
CA VAL A 756 28.11 7.46 -12.89
C VAL A 756 28.15 6.47 -14.05
N PHE A 757 27.04 6.35 -14.75
CA PHE A 757 26.92 5.50 -15.93
C PHE A 757 26.30 6.29 -17.08
N ASP A 758 26.51 5.80 -18.29
CA ASP A 758 25.86 6.38 -19.46
C ASP A 758 24.39 6.01 -19.49
N ALA A 759 23.57 6.92 -20.03
CA ALA A 759 22.12 6.70 -20.03
C ALA A 759 21.74 5.44 -20.81
N ASP A 760 22.40 5.20 -21.94
CA ASP A 760 22.14 3.99 -22.73
C ASP A 760 22.83 2.75 -22.17
N GLU A 761 23.68 2.91 -21.15
CA GLU A 761 24.36 1.79 -20.51
C GLU A 761 23.50 1.15 -19.42
N ILE A 762 22.53 1.89 -18.88
CA ILE A 762 21.85 1.48 -17.65
C ILE A 762 20.97 0.27 -17.89
N GLU A 763 19.96 0.40 -18.75
CA GLU A 763 18.94 -0.63 -18.88
C GLU A 763 19.51 -2.00 -19.26
N PRO A 764 20.50 -2.12 -20.15
CA PRO A 764 21.06 -3.47 -20.39
C PRO A 764 21.75 -4.06 -19.18
N ILE A 765 22.52 -3.25 -18.44
CA ILE A 765 23.23 -3.75 -17.25
C ILE A 765 22.23 -4.30 -16.24
N VAL A 766 21.20 -3.51 -15.92
CA VAL A 766 20.22 -3.94 -14.93
C VAL A 766 19.55 -5.23 -15.37
N THR A 767 19.32 -5.39 -16.67
CA THR A 767 18.69 -6.62 -17.17
C THR A 767 19.60 -7.83 -16.96
N ALA A 768 20.91 -7.64 -17.10
CA ALA A 768 21.84 -8.76 -16.97
C ALA A 768 22.10 -9.13 -15.51
N GLU A 769 21.98 -8.17 -14.60
CA GLU A 769 22.34 -8.42 -13.20
C GLU A 769 21.17 -8.85 -12.34
N VAL A 770 19.94 -8.49 -12.72
CA VAL A 770 18.80 -8.74 -11.85
C VAL A 770 18.61 -10.23 -11.61
N GLY A 771 19.00 -11.07 -12.58
CA GLY A 771 18.78 -12.50 -12.45
C GLY A 771 19.51 -13.13 -11.28
N GLY A 772 20.67 -12.58 -10.91
CA GLY A 772 21.44 -13.09 -9.80
C GLY A 772 21.25 -12.34 -8.49
N SER A 773 20.41 -11.31 -8.47
CA SER A 773 20.24 -10.50 -7.27
C SER A 773 19.30 -11.18 -6.28
N ALA A 774 19.46 -10.81 -5.01
CA ALA A 774 18.63 -11.38 -3.95
C ALA A 774 17.16 -11.01 -4.13
N LEU A 775 16.89 -9.83 -4.68
CA LEU A 775 15.50 -9.43 -4.91
C LEU A 775 14.80 -10.40 -5.86
N PHE A 776 15.48 -10.80 -6.92
CA PHE A 776 14.87 -11.72 -7.89
C PHE A 776 14.55 -13.06 -7.24
N ALA A 777 15.45 -13.55 -6.39
CA ALA A 777 15.19 -14.82 -5.71
C ALA A 777 13.91 -14.74 -4.87
N SER A 778 13.72 -13.63 -4.16
CA SER A 778 12.51 -13.47 -3.34
C SER A 778 11.27 -13.35 -4.20
N ARG A 779 11.32 -12.50 -5.23
CA ARG A 779 10.15 -12.30 -6.06
C ARG A 779 9.85 -13.49 -6.96
N PHE A 780 10.85 -14.34 -7.24
CA PHE A 780 10.56 -15.60 -7.92
C PHE A 780 9.80 -16.55 -7.00
N ARG A 781 10.13 -16.55 -5.71
CA ARG A 781 9.41 -17.38 -4.76
C ARG A 781 7.96 -16.92 -4.60
N GLU A 782 7.76 -15.61 -4.36
CA GLU A 782 6.41 -15.10 -4.21
C GLU A 782 5.58 -15.32 -5.47
N CYS A 783 6.21 -15.21 -6.64
CA CYS A 783 5.49 -15.44 -7.89
C CYS A 783 5.12 -16.92 -8.05
N ALA A 784 6.08 -17.82 -7.80
CA ALA A 784 5.80 -19.24 -7.95
C ALA A 784 4.67 -19.68 -7.03
N ALA A 785 4.67 -19.21 -5.79
CA ALA A 785 3.62 -19.58 -4.85
C ALA A 785 2.27 -18.98 -5.26
N ARG A 786 2.27 -17.71 -5.68
CA ARG A 786 1.02 -17.08 -6.09
C ARG A 786 0.41 -17.77 -7.31
N ALA A 787 1.25 -18.28 -8.21
CA ALA A 787 0.78 -19.03 -9.36
C ALA A 787 0.34 -20.45 -9.00
N LEU A 788 0.44 -20.84 -7.73
CA LEU A 788 0.01 -22.15 -7.24
C LEU A 788 0.81 -23.30 -7.84
N LEU A 789 2.11 -23.08 -8.07
CA LEU A 789 2.96 -24.09 -8.70
C LEU A 789 3.88 -24.80 -7.73
N LEU A 790 4.15 -24.23 -6.55
CA LEU A 790 5.03 -24.87 -5.59
C LEU A 790 4.30 -26.00 -4.87
N PRO A 791 4.97 -27.14 -4.67
CA PRO A 791 4.37 -28.21 -3.87
C PRO A 791 4.28 -27.79 -2.41
N ARG A 792 3.10 -27.98 -1.82
CA ARG A 792 2.85 -27.61 -0.43
C ARG A 792 2.89 -28.84 0.47
N ARG A 793 2.93 -28.60 1.78
CA ARG A 793 3.05 -29.68 2.75
C ARG A 793 1.70 -30.30 3.08
N HIS A 794 0.62 -29.53 2.94
CA HIS A 794 -0.74 -30.01 3.17
C HIS A 794 -1.61 -29.38 2.09
N PRO A 795 -2.50 -30.16 1.46
CA PRO A 795 -3.27 -29.62 0.32
C PRO A 795 -4.08 -28.39 0.68
N GLY A 796 -4.69 -28.36 1.87
CA GLY A 796 -5.51 -27.22 2.25
C GLY A 796 -4.80 -26.24 3.17
N LYS A 797 -3.49 -26.10 3.02
CA LYS A 797 -2.72 -25.20 3.87
C LYS A 797 -1.54 -24.66 3.09
N ARG A 798 -1.36 -23.34 3.13
CA ARG A 798 -0.22 -22.73 2.48
C ARG A 798 1.07 -23.15 3.18
N SER A 799 2.02 -23.65 2.40
CA SER A 799 3.24 -24.20 2.97
C SER A 799 3.99 -23.16 3.80
N PRO A 800 4.68 -23.58 4.85
CA PRO A 800 5.47 -22.63 5.64
C PRO A 800 6.55 -21.97 4.80
N LEU A 801 7.05 -20.85 5.31
CA LEU A 801 7.97 -20.02 4.52
C LEU A 801 9.27 -20.76 4.22
N TRP A 802 9.76 -21.55 5.19
CA TRP A 802 10.97 -22.34 4.93
C TRP A 802 10.76 -23.32 3.79
N HIS A 803 9.53 -23.81 3.62
CA HIS A 803 9.25 -24.80 2.59
C HIS A 803 9.02 -24.16 1.23
N GLN A 804 8.36 -23.00 1.21
CA GLN A 804 8.28 -22.23 -0.03
C GLN A 804 9.67 -21.94 -0.58
N ARG A 805 10.57 -21.45 0.29
CA ARG A 805 11.92 -21.11 -0.13
C ARG A 805 12.64 -22.33 -0.69
N GLN A 806 12.58 -23.46 0.01
CA GLN A 806 13.29 -24.66 -0.43
C GLN A 806 12.79 -25.13 -1.79
N ARG A 807 11.46 -25.23 -1.95
CA ARG A 807 10.92 -25.70 -3.22
C ARG A 807 11.10 -24.65 -4.32
N ALA A 808 10.94 -23.37 -3.98
CA ALA A 808 11.11 -22.32 -4.99
C ALA A 808 12.57 -22.22 -5.45
N ALA A 809 13.51 -22.26 -4.49
CA ALA A 809 14.92 -22.22 -4.85
C ALA A 809 15.30 -23.45 -5.66
N GLN A 810 14.87 -24.63 -5.23
CA GLN A 810 15.12 -25.85 -5.99
C GLN A 810 14.44 -25.83 -7.35
N LEU A 811 13.36 -25.05 -7.51
CA LEU A 811 12.72 -24.91 -8.81
C LEU A 811 13.45 -23.90 -9.68
N LEU A 812 13.93 -22.81 -9.09
CA LEU A 812 14.60 -21.78 -9.87
C LEU A 812 15.90 -22.31 -10.50
N ASP A 813 16.65 -23.12 -9.75
CA ASP A 813 17.86 -23.72 -10.30
C ASP A 813 17.58 -24.53 -11.56
N ILE A 814 16.35 -25.00 -11.74
CA ILE A 814 15.96 -25.66 -12.98
C ILE A 814 15.36 -24.68 -13.98
N ALA A 815 14.69 -23.63 -13.49
CA ALA A 815 14.05 -22.68 -14.39
C ALA A 815 15.04 -21.70 -15.02
N ARG A 816 16.15 -21.44 -14.34
CA ARG A 816 17.21 -20.62 -14.96
C ARG A 816 17.64 -21.18 -16.30
N LYS A 817 17.54 -22.50 -16.47
CA LYS A 817 17.88 -23.14 -17.73
C LYS A 817 16.92 -22.77 -18.85
N TYR A 818 15.70 -22.35 -18.53
CA TYR A 818 14.70 -21.99 -19.53
C TYR A 818 14.33 -20.52 -19.34
N PRO A 819 14.93 -19.61 -20.11
CA PRO A 819 14.64 -18.18 -19.90
C PRO A 819 13.23 -17.79 -20.26
N ASP A 820 12.49 -18.63 -20.98
CA ASP A 820 11.12 -18.36 -21.36
C ASP A 820 10.11 -18.87 -20.33
N PHE A 821 10.57 -19.46 -19.23
CA PHE A 821 9.71 -19.98 -18.19
C PHE A 821 8.83 -18.85 -17.64
N PRO A 822 7.50 -18.97 -17.72
CA PRO A 822 6.64 -17.84 -17.36
C PRO A 822 6.86 -17.27 -15.96
N ILE A 823 7.29 -18.09 -15.00
CA ILE A 823 7.55 -17.56 -13.66
C ILE A 823 8.82 -16.71 -13.67
N VAL A 824 9.85 -17.16 -14.40
CA VAL A 824 11.06 -16.35 -14.55
C VAL A 824 10.72 -15.03 -15.25
N LEU A 825 9.93 -15.09 -16.32
CA LEU A 825 9.53 -13.89 -17.03
C LEU A 825 8.81 -12.91 -16.11
N GLU A 826 7.88 -13.42 -15.30
CA GLU A 826 7.09 -12.54 -14.44
C GLU A 826 7.92 -12.00 -13.28
N ALA A 827 8.80 -12.81 -12.72
CA ALA A 827 9.69 -12.33 -11.67
C ALA A 827 10.56 -11.18 -12.18
N VAL A 828 11.13 -11.34 -13.38
CA VAL A 828 11.89 -10.25 -13.99
C VAL A 828 10.99 -9.07 -14.29
N ARG A 829 9.75 -9.35 -14.71
CA ARG A 829 8.81 -8.27 -15.01
C ARG A 829 8.50 -7.44 -13.77
N GLU A 830 8.28 -8.10 -12.63
CA GLU A 830 7.95 -7.37 -11.41
C GLU A 830 9.14 -6.55 -10.91
N CYS A 831 10.33 -7.15 -10.90
CA CYS A 831 11.51 -6.44 -10.39
C CYS A 831 11.78 -5.17 -11.21
N LEU A 832 11.80 -5.29 -12.54
CA LEU A 832 12.20 -4.18 -13.37
C LEU A 832 11.13 -3.11 -13.48
N GLN A 833 9.85 -3.51 -13.51
CA GLN A 833 8.76 -2.56 -13.72
C GLN A 833 8.09 -2.11 -12.44
N ASP A 834 7.86 -3.02 -11.49
CA ASP A 834 7.11 -2.72 -10.28
C ASP A 834 7.99 -2.30 -9.11
N VAL A 835 9.18 -2.88 -8.99
CA VAL A 835 10.08 -2.57 -7.87
C VAL A 835 11.04 -1.47 -8.28
N TYR A 836 11.78 -1.69 -9.36
CA TYR A 836 12.70 -0.68 -9.87
C TYR A 836 11.94 0.40 -10.63
N ASP A 837 12.64 1.51 -10.89
CA ASP A 837 12.16 2.58 -11.76
C ASP A 837 13.34 2.92 -12.68
N VAL A 838 13.48 2.15 -13.75
CA VAL A 838 14.60 2.29 -14.67
C VAL A 838 14.50 3.59 -15.47
N PRO A 839 13.33 3.97 -16.01
CA PRO A 839 13.23 5.29 -16.64
C PRO A 839 13.72 6.44 -15.76
N ALA A 840 13.47 6.38 -14.45
CA ALA A 840 14.00 7.42 -13.56
C ALA A 840 15.52 7.32 -13.45
N LEU A 841 16.05 6.10 -13.34
CA LEU A 841 17.50 5.93 -13.29
C LEU A 841 18.15 6.39 -14.58
N ILE A 842 17.48 6.21 -15.72
CA ILE A 842 18.07 6.61 -17.00
C ILE A 842 18.16 8.12 -17.11
N GLU A 843 17.05 8.83 -16.85
CA GLU A 843 17.09 10.28 -16.94
C GLU A 843 18.03 10.88 -15.91
N LEU A 844 18.17 10.26 -14.74
CA LEU A 844 19.16 10.72 -13.77
C LEU A 844 20.56 10.65 -14.35
N MET A 845 20.88 9.58 -15.09
CA MET A 845 22.17 9.49 -15.77
C MET A 845 22.25 10.45 -16.94
N HIS A 846 21.12 10.65 -17.64
CA HIS A 846 21.08 11.66 -18.69
C HIS A 846 21.34 13.06 -18.13
N LYS A 847 20.77 13.36 -16.95
CA LYS A 847 20.98 14.66 -16.34
C LYS A 847 22.43 14.83 -15.87
N ILE A 848 23.04 13.76 -15.37
CA ILE A 848 24.44 13.84 -14.95
C ILE A 848 25.34 14.05 -16.17
N ALA A 849 24.99 13.45 -17.31
CA ALA A 849 25.75 13.69 -18.53
C ALA A 849 25.53 15.10 -19.06
N GLN A 850 24.35 15.67 -18.82
CA GLN A 850 24.06 17.04 -19.23
C GLN A 850 24.71 18.08 -18.33
N ARG A 851 25.45 17.65 -17.30
CA ARG A 851 26.00 18.55 -16.28
C ARG A 851 24.89 19.35 -15.59
N ARG A 852 23.67 18.82 -15.60
CA ARG A 852 22.54 19.43 -14.93
C ARG A 852 22.30 18.86 -13.54
N LEU A 853 22.88 17.70 -13.23
CA LEU A 853 22.89 17.14 -11.88
C LEU A 853 24.35 17.10 -11.43
N ARG A 854 24.69 17.98 -10.49
CA ARG A 854 26.05 18.07 -10.00
C ARG A 854 26.41 16.85 -9.17
N ILE A 855 27.71 16.60 -9.06
CA ILE A 855 28.25 15.56 -8.18
C ILE A 855 29.48 16.13 -7.49
N VAL A 856 29.61 15.86 -6.20
CA VAL A 856 30.69 16.41 -5.39
C VAL A 856 31.37 15.27 -4.64
N GLU A 857 32.70 15.20 -4.77
CA GLU A 857 33.50 14.27 -3.97
C GLU A 857 34.01 15.00 -2.75
N VAL A 858 33.89 14.37 -1.58
CA VAL A 858 34.40 14.92 -0.33
C VAL A 858 34.90 13.77 0.53
N GLU A 859 36.02 13.98 1.21
CA GLU A 859 36.55 13.05 2.18
C GLU A 859 36.37 13.62 3.57
N THR A 860 35.77 12.83 4.46
CA THR A 860 35.48 13.27 5.83
C THR A 860 36.30 12.45 6.81
N ALA A 861 36.62 13.08 7.94
CA ALA A 861 37.34 12.37 9.01
C ALA A 861 36.40 11.46 9.79
N THR A 862 35.13 11.84 9.90
CA THR A 862 34.10 11.08 10.59
C THR A 862 32.80 11.23 9.82
N PRO A 863 31.96 10.20 9.81
CA PRO A 863 30.73 10.25 9.01
C PRO A 863 29.89 11.49 9.31
N SER A 864 29.43 12.15 8.24
CA SER A 864 28.52 13.29 8.29
C SER A 864 27.18 12.86 8.88
N PRO A 865 26.32 13.79 9.30
CA PRO A 865 25.00 13.39 9.79
C PRO A 865 24.21 12.51 8.82
N PHE A 866 24.24 12.83 7.53
CA PHE A 866 23.53 12.02 6.56
C PHE A 866 24.17 10.64 6.42
N ALA A 867 25.50 10.58 6.40
CA ALA A 867 26.18 9.30 6.34
C ALA A 867 25.92 8.48 7.61
N ALA A 868 25.91 9.15 8.77
CA ALA A 868 25.62 8.45 10.03
C ALA A 868 24.23 7.84 9.99
N SER A 869 23.26 8.54 9.39
CA SER A 869 21.90 8.01 9.33
C SER A 869 21.83 6.76 8.46
N LEU A 870 22.52 6.76 7.32
CA LEU A 870 22.52 5.60 6.45
C LEU A 870 23.15 4.40 7.13
N LEU A 871 24.19 4.61 7.92
CA LEU A 871 24.70 3.56 8.78
C LEU A 871 23.69 3.29 9.89
N PHE A 872 23.53 2.01 10.24
CA PHE A 872 22.42 1.53 11.07
C PHE A 872 22.09 2.50 12.21
N GLY A 873 20.80 2.76 12.38
CA GLY A 873 20.34 3.71 13.39
C GLY A 873 19.31 3.13 14.32
PG ANP C . -13.54 8.97 3.08
O1G ANP C . -12.52 9.01 4.17
O2G ANP C . -13.93 7.48 2.78
O3G ANP C . -12.95 9.64 1.77
PB ANP C . -16.11 9.77 2.44
O1B ANP C . -16.41 8.30 2.03
O2B ANP C . -15.71 10.56 1.24
N3B ANP C . -14.91 9.82 3.60
PA ANP C . -18.29 9.55 4.05
O1A ANP C . -17.51 8.67 4.96
O2A ANP C . -19.28 8.79 3.16
O3A ANP C . -17.40 10.40 3.05
O5' ANP C . -19.05 10.65 4.89
C5' ANP C . -18.44 11.58 5.86
C4' ANP C . -19.42 11.84 6.97
O4' ANP C . -20.40 12.84 6.55
C3' ANP C . -20.26 10.62 7.36
O3' ANP C . -20.68 10.76 8.70
C2' ANP C . -21.46 10.74 6.42
O2' ANP C . -22.52 9.82 6.73
C1' ANP C . -21.69 12.25 6.47
N9 ANP C . -22.35 12.84 5.30
C8 ANP C . -22.63 12.26 4.08
N7 ANP C . -23.23 13.05 3.23
C5 ANP C . -23.38 14.23 3.94
C6 ANP C . -23.94 15.48 3.59
N6 ANP C . -24.48 15.74 2.40
N1 ANP C . -23.93 16.46 4.54
C2 ANP C . -23.39 16.19 5.73
N3 ANP C . -22.83 15.06 6.16
C4 ANP C . -22.85 14.11 5.21
C1 GOL D . -17.79 -3.74 15.32
O1 GOL D . -18.83 -4.70 15.43
C2 GOL D . -18.36 -2.35 15.62
O2 GOL D . -19.66 -2.48 16.16
C3 GOL D . -18.42 -1.57 14.32
O3 GOL D . -18.69 -0.20 14.59
C1 GOL E . -14.36 -6.49 13.53
O1 GOL E . -15.67 -6.99 13.61
C2 GOL E . -13.67 -7.07 12.30
O2 GOL E . -12.58 -7.89 12.69
C3 GOL E . -13.15 -5.93 11.42
O3 GOL E . -12.00 -5.34 12.01
C1 GOL F . -21.03 7.90 25.07
O1 GOL F . -19.72 8.04 25.56
C2 GOL F . -21.39 9.10 24.20
O2 GOL F . -20.22 9.57 23.55
C3 GOL F . -22.42 8.69 23.16
O3 GOL F . -22.78 9.82 22.39
C1 GOL G . -23.93 6.96 5.68
O1 GOL G . -24.46 7.55 6.86
C2 GOL G . -22.65 7.68 5.25
O2 GOL G . -22.77 8.38 4.02
C3 GOL G . -22.05 8.57 6.36
O3 GOL G . -20.89 7.83 6.73
MG MG H . -14.79 6.72 1.11
C1 PEG I . -0.31 -4.95 -1.79
O1 PEG I . -1.62 -4.45 -1.83
C2 PEG I . -0.32 -6.44 -2.11
O2 PEG I . -0.08 -6.64 -3.46
C3 PEG I . 0.72 -7.76 -3.73
C4 PEG I . 1.72 -7.43 -4.84
O4 PEG I . 2.99 -7.24 -4.28
#